data_6EDF
# 
_entry.id   6EDF 
# 
_audit_conform.dict_name       mmcif_pdbx.dic 
_audit_conform.dict_version    5.379 
_audit_conform.dict_location   http://mmcif.pdb.org/dictionaries/ascii/mmcif_pdbx.dic 
# 
loop_
_database_2.database_id 
_database_2.database_code 
_database_2.pdbx_database_accession 
_database_2.pdbx_DOI 
PDB   6EDF         pdb_00006edf 10.2210/pdb6edf/pdb 
WWPDB D_1000236102 ?            ?                   
# 
_pdbx_database_status.status_code                     REL 
_pdbx_database_status.status_code_sf                  REL 
_pdbx_database_status.status_code_mr                  ? 
_pdbx_database_status.entry_id                        6EDF 
_pdbx_database_status.recvd_initial_deposition_date   2018-08-09 
_pdbx_database_status.SG_entry                        Y 
_pdbx_database_status.deposit_site                    RCSB 
_pdbx_database_status.process_site                    RCSB 
_pdbx_database_status.status_code_cs                  ? 
_pdbx_database_status.methods_development_category    ? 
_pdbx_database_status.pdb_format_compatible           Y 
_pdbx_database_status.status_code_nmr_data            ? 
# 
loop_
_audit_author.name 
_audit_author.pdbx_ordinal 
_audit_author.identifier_ORCID 
'Tempel, W.'                           1  ? 
'Huang, H.'                            2  ? 
'Sochirca, I.'                         3  ? 
'Liu, K.'                              4  ? 
'Bountra, C.'                          5  ? 
'Arrowsmith, C.H.'                     6  ? 
'Edwards, A.M.'                        7  ? 
'Sidhu, S.S.'                          8  ? 
'Min, J.'                              9  ? 
'Structural Genomics Consortium (SGC)' 10 ? 
# 
_citation.abstract                  ? 
_citation.abstract_id_CAS           ? 
_citation.book_id_ISBN              ? 
_citation.book_publisher            ? 
_citation.book_publisher_city       ? 
_citation.book_title                ? 
_citation.coordinate_linkage        ? 
_citation.country                   ? 
_citation.database_id_Medline       ? 
_citation.details                   ? 
_citation.id                        primary 
_citation.journal_abbrev            'To be Published' 
_citation.journal_id_ASTM           ? 
_citation.journal_id_CSD            0353 
_citation.journal_id_ISSN           ? 
_citation.journal_full              ? 
_citation.journal_issue             ? 
_citation.journal_volume            ? 
_citation.language                  ? 
_citation.page_first                ? 
_citation.page_last                 ? 
_citation.title                     'Fragment of a tyrosine-protein kinase' 
_citation.year                      ? 
_citation.database_id_CSD           ? 
_citation.pdbx_database_id_DOI      ? 
_citation.pdbx_database_id_PubMed   ? 
_citation.unpublished_flag          ? 
# 
loop_
_citation_author.citation_id 
_citation_author.name 
_citation_author.ordinal 
_citation_author.identifier_ORCID 
primary 'Tempel, W.'       1 ? 
primary 'Huang, H.'        2 ? 
primary 'Sochirca, I.'     3 ? 
primary 'Liu, K.'          4 ? 
primary 'Bountra, C.'      5 ? 
primary 'Arrowsmith, C.H.' 6 ? 
primary 'Edwards, A.M.'    7 ? 
primary 'Sidhu, S.S.'      8 ? 
primary 'Min, J.'          9 ? 
# 
_cell.angle_alpha                  90.000 
_cell.angle_alpha_esd              ? 
_cell.angle_beta                   99.520 
_cell.angle_beta_esd               ? 
_cell.angle_gamma                  90.000 
_cell.angle_gamma_esd              ? 
_cell.entry_id                     6EDF 
_cell.details                      ? 
_cell.formula_units_Z              ? 
_cell.length_a                     23.991 
_cell.length_a_esd                 ? 
_cell.length_b                     36.233 
_cell.length_b_esd                 ? 
_cell.length_c                     38.646 
_cell.length_c_esd                 ? 
_cell.volume                       ? 
_cell.volume_esd                   ? 
_cell.Z_PDB                        2 
_cell.reciprocal_angle_alpha       ? 
_cell.reciprocal_angle_beta        ? 
_cell.reciprocal_angle_gamma       ? 
_cell.reciprocal_angle_alpha_esd   ? 
_cell.reciprocal_angle_beta_esd    ? 
_cell.reciprocal_angle_gamma_esd   ? 
_cell.reciprocal_length_a          ? 
_cell.reciprocal_length_b          ? 
_cell.reciprocal_length_c          ? 
_cell.reciprocal_length_a_esd      ? 
_cell.reciprocal_length_b_esd      ? 
_cell.reciprocal_length_c_esd      ? 
_cell.pdbx_unique_axis             ? 
# 
_symmetry.entry_id                         6EDF 
_symmetry.cell_setting                     ? 
_symmetry.Int_Tables_number                4 
_symmetry.space_group_name_Hall            ? 
_symmetry.space_group_name_H-M             'P 1 21 1' 
_symmetry.pdbx_full_space_group_name_H-M   ? 
# 
loop_
_entity.id 
_entity.type 
_entity.src_method 
_entity.pdbx_description 
_entity.formula_weight 
_entity.pdbx_number_of_molecules 
_entity.pdbx_ec 
_entity.pdbx_mutation 
_entity.pdbx_fragment 
_entity.details 
1 polymer     man FYN                   8591.443 1  2.7.10.2 ? ? ? 
2 non-polymer syn GLYCEROL              92.094   1  ?        ? ? ? 
3 non-polymer nat 'UNKNOWN ATOM OR ION' 18.015   14 ?        ? ? ? 
4 water       nat water                 18.015   61 ?        ? ? ? 
# 
_entity_name_com.entity_id   1 
_entity_name_com.name        'Tyrosine-protein kinase Fyn' 
# 
_entity_poly.entity_id                      1 
_entity_poly.type                           'polypeptide(L)' 
_entity_poly.nstd_linkage                   no 
_entity_poly.nstd_monomer                   no 
_entity_poly.pdbx_seq_one_letter_code       GGVTLFVALYDYEARTEDDISVHKGEKVQILNSSEGDWWEVRSLTTGETGYVPSNYVAPVDGSAAMGPVLRLRAFYNGG 
_entity_poly.pdbx_seq_one_letter_code_can   GGVTLFVALYDYEARTEDDISVHKGEKVQILNSSEGDWWEVRSLTTGETGYVPSNYVAPVDGSAAMGPVLRLRAFYNGG 
_entity_poly.pdbx_strand_id                 A 
_entity_poly.pdbx_target_identifier         ? 
# 
loop_
_entity_poly_seq.entity_id 
_entity_poly_seq.num 
_entity_poly_seq.mon_id 
_entity_poly_seq.hetero 
1 1  GLY n 
1 2  GLY n 
1 3  VAL n 
1 4  THR n 
1 5  LEU n 
1 6  PHE n 
1 7  VAL n 
1 8  ALA n 
1 9  LEU n 
1 10 TYR n 
1 11 ASP n 
1 12 TYR n 
1 13 GLU n 
1 14 ALA n 
1 15 ARG n 
1 16 THR n 
1 17 GLU n 
1 18 ASP n 
1 19 ASP n 
1 20 ILE n 
1 21 SER n 
1 22 VAL n 
1 23 HIS n 
1 24 LYS n 
1 25 GLY n 
1 26 GLU n 
1 27 LYS n 
1 28 VAL n 
1 29 GLN n 
1 30 ILE n 
1 31 LEU n 
1 32 ASN n 
1 33 SER n 
1 34 SER n 
1 35 GLU n 
1 36 GLY n 
1 37 ASP n 
1 38 TRP n 
1 39 TRP n 
1 40 GLU n 
1 41 VAL n 
1 42 ARG n 
1 43 SER n 
1 44 LEU n 
1 45 THR n 
1 46 THR n 
1 47 GLY n 
1 48 GLU n 
1 49 THR n 
1 50 GLY n 
1 51 TYR n 
1 52 VAL n 
1 53 PRO n 
1 54 SER n 
1 55 ASN n 
1 56 TYR n 
1 57 VAL n 
1 58 ALA n 
1 59 PRO n 
1 60 VAL n 
1 61 ASP n 
1 62 GLY n 
1 63 SER n 
1 64 ALA n 
1 65 ALA n 
1 66 MET n 
1 67 GLY n 
1 68 PRO n 
1 69 VAL n 
1 70 LEU n 
1 71 ARG n 
1 72 LEU n 
1 73 ARG n 
1 74 ALA n 
1 75 PHE n 
1 76 TYR n 
1 77 ASN n 
1 78 GLY n 
1 79 GLY n 
# 
_entity_src_gen.entity_id                          1 
_entity_src_gen.pdbx_src_id                        1 
_entity_src_gen.pdbx_alt_source_flag               sample 
_entity_src_gen.pdbx_seq_type                      'Biological sequence' 
_entity_src_gen.pdbx_beg_seq_num                   1 
_entity_src_gen.pdbx_end_seq_num                   79 
_entity_src_gen.gene_src_common_name               Human 
_entity_src_gen.gene_src_genus                     ? 
_entity_src_gen.pdbx_gene_src_gene                 ? 
_entity_src_gen.gene_src_species                   ? 
_entity_src_gen.gene_src_strain                    ? 
_entity_src_gen.gene_src_tissue                    ? 
_entity_src_gen.gene_src_tissue_fraction           ? 
_entity_src_gen.gene_src_details                   ? 
_entity_src_gen.pdbx_gene_src_fragment             ? 
_entity_src_gen.pdbx_gene_src_scientific_name      'Homo sapiens' 
_entity_src_gen.pdbx_gene_src_ncbi_taxonomy_id     9606 
_entity_src_gen.pdbx_gene_src_variant              ? 
_entity_src_gen.pdbx_gene_src_cell_line            ? 
_entity_src_gen.pdbx_gene_src_atcc                 ? 
_entity_src_gen.pdbx_gene_src_organ                ? 
_entity_src_gen.pdbx_gene_src_organelle            ? 
_entity_src_gen.pdbx_gene_src_cell                 ? 
_entity_src_gen.pdbx_gene_src_cellular_location    ? 
_entity_src_gen.host_org_common_name               ? 
_entity_src_gen.pdbx_host_org_scientific_name      'Escherichia coli' 
_entity_src_gen.pdbx_host_org_ncbi_taxonomy_id     562 
_entity_src_gen.host_org_genus                     ? 
_entity_src_gen.pdbx_host_org_gene                 ? 
_entity_src_gen.pdbx_host_org_organ                ? 
_entity_src_gen.host_org_species                   ? 
_entity_src_gen.pdbx_host_org_tissue               ? 
_entity_src_gen.pdbx_host_org_tissue_fraction      ? 
_entity_src_gen.pdbx_host_org_strain               'SS320 (Genentech)' 
_entity_src_gen.pdbx_host_org_variant              ? 
_entity_src_gen.pdbx_host_org_cell_line            ? 
_entity_src_gen.pdbx_host_org_atcc                 ? 
_entity_src_gen.pdbx_host_org_culture_collection   ? 
_entity_src_gen.pdbx_host_org_cell                 ? 
_entity_src_gen.pdbx_host_org_organelle            ? 
_entity_src_gen.pdbx_host_org_cellular_location    ? 
_entity_src_gen.pdbx_host_org_vector_type          plasmid 
_entity_src_gen.pdbx_host_org_vector               ? 
_entity_src_gen.host_org_details                   ? 
_entity_src_gen.expression_system_id               ? 
_entity_src_gen.plasmid_name                       'custom pHH0239' 
_entity_src_gen.plasmid_details                    ? 
_entity_src_gen.pdbx_description                   ? 
# 
_struct_ref.id                         1 
_struct_ref.db_name                    PDB 
_struct_ref.db_code                    6EDF 
_struct_ref.pdbx_db_accession          6EDF 
_struct_ref.pdbx_db_isoform            ? 
_struct_ref.entity_id                  1 
_struct_ref.pdbx_seq_one_letter_code   ? 
_struct_ref.pdbx_align_begin           1 
# 
_struct_ref_seq.align_id                      1 
_struct_ref_seq.ref_id                        1 
_struct_ref_seq.pdbx_PDB_id_code              6EDF 
_struct_ref_seq.pdbx_strand_id                A 
_struct_ref_seq.seq_align_beg                 1 
_struct_ref_seq.pdbx_seq_align_beg_ins_code   ? 
_struct_ref_seq.seq_align_end                 79 
_struct_ref_seq.pdbx_seq_align_end_ins_code   ? 
_struct_ref_seq.pdbx_db_accession             6EDF 
_struct_ref_seq.db_align_beg                  -1 
_struct_ref_seq.pdbx_db_align_beg_ins_code    ? 
_struct_ref_seq.db_align_end                  77 
_struct_ref_seq.pdbx_db_align_end_ins_code    ? 
_struct_ref_seq.pdbx_auth_seq_align_beg       -1 
_struct_ref_seq.pdbx_auth_seq_align_end       77 
# 
loop_
_chem_comp.id 
_chem_comp.type 
_chem_comp.mon_nstd_flag 
_chem_comp.name 
_chem_comp.pdbx_synonyms 
_chem_comp.formula 
_chem_comp.formula_weight 
ALA 'L-peptide linking' y ALANINE               ?                               'C3 H7 N O2'     89.093  
ARG 'L-peptide linking' y ARGININE              ?                               'C6 H15 N4 O2 1' 175.209 
ASN 'L-peptide linking' y ASPARAGINE            ?                               'C4 H8 N2 O3'    132.118 
ASP 'L-peptide linking' y 'ASPARTIC ACID'       ?                               'C4 H7 N O4'     133.103 
GLN 'L-peptide linking' y GLUTAMINE             ?                               'C5 H10 N2 O3'   146.144 
GLU 'L-peptide linking' y 'GLUTAMIC ACID'       ?                               'C5 H9 N O4'     147.129 
GLY 'peptide linking'   y GLYCINE               ?                               'C2 H5 N O2'     75.067  
GOL non-polymer         . GLYCEROL              'GLYCERIN; PROPANE-1,2,3-TRIOL' 'C3 H8 O3'       92.094  
HIS 'L-peptide linking' y HISTIDINE             ?                               'C6 H10 N3 O2 1' 156.162 
HOH non-polymer         . WATER                 ?                               'H2 O'           18.015  
ILE 'L-peptide linking' y ISOLEUCINE            ?                               'C6 H13 N O2'    131.173 
LEU 'L-peptide linking' y LEUCINE               ?                               'C6 H13 N O2'    131.173 
LYS 'L-peptide linking' y LYSINE                ?                               'C6 H15 N2 O2 1' 147.195 
MET 'L-peptide linking' y METHIONINE            ?                               'C5 H11 N O2 S'  149.211 
PHE 'L-peptide linking' y PHENYLALANINE         ?                               'C9 H11 N O2'    165.189 
PRO 'L-peptide linking' y PROLINE               ?                               'C5 H9 N O2'     115.130 
SER 'L-peptide linking' y SERINE                ?                               'C3 H7 N O3'     105.093 
THR 'L-peptide linking' y THREONINE             ?                               'C4 H9 N O3'     119.119 
TRP 'L-peptide linking' y TRYPTOPHAN            ?                               'C11 H12 N2 O2'  204.225 
TYR 'L-peptide linking' y TYROSINE              ?                               'C9 H11 N O3'    181.189 
UNX non-polymer         . 'UNKNOWN ATOM OR ION' ?                               ?                ?       
VAL 'L-peptide linking' y VALINE                ?                               'C5 H11 N O2'    117.146 
# 
_exptl.absorpt_coefficient_mu     ? 
_exptl.absorpt_correction_T_max   ? 
_exptl.absorpt_correction_T_min   ? 
_exptl.absorpt_correction_type    ? 
_exptl.absorpt_process_details    ? 
_exptl.entry_id                   6EDF 
_exptl.crystals_number            1 
_exptl.details                    ? 
_exptl.method                     'X-RAY DIFFRACTION' 
_exptl.method_details             ? 
# 
_exptl_crystal.colour                      ? 
_exptl_crystal.density_diffrn              ? 
_exptl_crystal.density_Matthews            2.0 
_exptl_crystal.density_method              ? 
_exptl_crystal.density_percent_sol         37.6 
_exptl_crystal.description                 ? 
_exptl_crystal.F_000                       ? 
_exptl_crystal.id                          1 
_exptl_crystal.preparation                 ? 
_exptl_crystal.size_max                    ? 
_exptl_crystal.size_mid                    ? 
_exptl_crystal.size_min                    ? 
_exptl_crystal.size_rad                    ? 
_exptl_crystal.colour_lustre               ? 
_exptl_crystal.colour_modifier             ? 
_exptl_crystal.colour_primary              ? 
_exptl_crystal.density_meas                ? 
_exptl_crystal.density_meas_esd            ? 
_exptl_crystal.density_meas_gt             ? 
_exptl_crystal.density_meas_lt             ? 
_exptl_crystal.density_meas_temp           ? 
_exptl_crystal.density_meas_temp_esd       ? 
_exptl_crystal.density_meas_temp_gt        ? 
_exptl_crystal.density_meas_temp_lt        ? 
_exptl_crystal.pdbx_crystal_image_url      ? 
_exptl_crystal.pdbx_crystal_image_format   ? 
_exptl_crystal.pdbx_mosaicity              ? 
_exptl_crystal.pdbx_mosaicity_esd          ? 
# 
_exptl_crystal_grow.apparatus       ? 
_exptl_crystal_grow.atmosphere      ? 
_exptl_crystal_grow.crystal_id      1 
_exptl_crystal_grow.details         ? 
_exptl_crystal_grow.method          'VAPOR DIFFUSION, SITTING DROP' 
_exptl_crystal_grow.method_ref      ? 
_exptl_crystal_grow.pH              ? 
_exptl_crystal_grow.pressure        ? 
_exptl_crystal_grow.pressure_esd    ? 
_exptl_crystal_grow.seeding         ? 
_exptl_crystal_grow.seeding_ref     ? 
_exptl_crystal_grow.temp            291 
_exptl_crystal_grow.temp_details    ? 
_exptl_crystal_grow.temp_esd        ? 
_exptl_crystal_grow.time            ? 
_exptl_crystal_grow.pdbx_details    '20% PEG3350, 0.2 M magnesium acetate' 
_exptl_crystal_grow.pdbx_pH_range   ? 
# 
_diffrn.ambient_environment              ? 
_diffrn.ambient_temp                     100 
_diffrn.ambient_temp_details             ? 
_diffrn.ambient_temp_esd                 ? 
_diffrn.crystal_id                       1 
_diffrn.crystal_support                  ? 
_diffrn.crystal_treatment                ? 
_diffrn.details                          ? 
_diffrn.id                               1 
_diffrn.ambient_pressure                 ? 
_diffrn.ambient_pressure_esd             ? 
_diffrn.ambient_pressure_gt              ? 
_diffrn.ambient_pressure_lt              ? 
_diffrn.ambient_temp_gt                  ? 
_diffrn.ambient_temp_lt                  ? 
_diffrn.pdbx_serial_crystal_experiment   ? 
# 
_diffrn_detector.details                      ? 
_diffrn_detector.detector                     CCD 
_diffrn_detector.diffrn_id                    1 
_diffrn_detector.type                         'RAYONIX MX-300' 
_diffrn_detector.area_resol_mean              ? 
_diffrn_detector.dtime                        ? 
_diffrn_detector.pdbx_frames_total            ? 
_diffrn_detector.pdbx_collection_time_total   ? 
_diffrn_detector.pdbx_collection_date         2010-05-12 
_diffrn_detector.pdbx_frequency               ? 
# 
_diffrn_radiation.collimation                      ? 
_diffrn_radiation.diffrn_id                        1 
_diffrn_radiation.filter_edge                      ? 
_diffrn_radiation.inhomogeneity                    ? 
_diffrn_radiation.monochromator                    'double crystal Si(111)' 
_diffrn_radiation.polarisn_norm                    ? 
_diffrn_radiation.polarisn_ratio                   ? 
_diffrn_radiation.probe                            ? 
_diffrn_radiation.type                             ? 
_diffrn_radiation.xray_symbol                      ? 
_diffrn_radiation.wavelength_id                    1 
_diffrn_radiation.pdbx_monochromatic_or_laue_m_l   M 
_diffrn_radiation.pdbx_wavelength_list             ? 
_diffrn_radiation.pdbx_wavelength                  ? 
_diffrn_radiation.pdbx_diffrn_protocol             'SINGLE WAVELENGTH' 
_diffrn_radiation.pdbx_analyzer                    ? 
_diffrn_radiation.pdbx_scattering_type             x-ray 
# 
_diffrn_radiation_wavelength.id           1 
_diffrn_radiation_wavelength.wavelength   0.9795 
_diffrn_radiation_wavelength.wt           1.0 
# 
_diffrn_source.current                     ? 
_diffrn_source.details                     ? 
_diffrn_source.diffrn_id                   1 
_diffrn_source.power                       ? 
_diffrn_source.size                        ? 
_diffrn_source.source                      SYNCHROTRON 
_diffrn_source.target                      ? 
_diffrn_source.type                        'CLSI BEAMLINE 08ID-1' 
_diffrn_source.voltage                     ? 
_diffrn_source.take-off_angle              ? 
_diffrn_source.pdbx_wavelength_list        0.9795 
_diffrn_source.pdbx_wavelength             ? 
_diffrn_source.pdbx_synchrotron_beamline   08ID-1 
_diffrn_source.pdbx_synchrotron_site       CLSI 
# 
_reflns.B_iso_Wilson_estimate            ? 
_reflns.entry_id                         6EDF 
_reflns.data_reduction_details           ? 
_reflns.data_reduction_method            ? 
_reflns.d_resolution_high                1.400 
_reflns.d_resolution_low                 36.230 
_reflns.details                          ? 
_reflns.limit_h_max                      ? 
_reflns.limit_h_min                      ? 
_reflns.limit_k_max                      ? 
_reflns.limit_k_min                      ? 
_reflns.limit_l_max                      ? 
_reflns.limit_l_min                      ? 
_reflns.number_all                       ? 
_reflns.number_obs                       12781 
_reflns.observed_criterion               ? 
_reflns.observed_criterion_F_max         ? 
_reflns.observed_criterion_F_min         ? 
_reflns.observed_criterion_I_max         ? 
_reflns.observed_criterion_I_min         ? 
_reflns.observed_criterion_sigma_F       ? 
_reflns.observed_criterion_sigma_I       ? 
_reflns.percent_possible_obs             98.400 
_reflns.R_free_details                   ? 
_reflns.Rmerge_F_all                     ? 
_reflns.Rmerge_F_obs                     ? 
_reflns.Friedel_coverage                 ? 
_reflns.number_gt                        ? 
_reflns.threshold_expression             ? 
_reflns.pdbx_redundancy                  3.700 
_reflns.pdbx_Rmerge_I_obs                0.053 
_reflns.pdbx_Rmerge_I_all                ? 
_reflns.pdbx_Rsym_value                  ? 
_reflns.pdbx_netI_over_av_sigmaI         ? 
_reflns.pdbx_netI_over_sigmaI            16.500 
_reflns.pdbx_res_netI_over_av_sigmaI_2   ? 
_reflns.pdbx_res_netI_over_sigmaI_2      ? 
_reflns.pdbx_chi_squared                 ? 
_reflns.pdbx_scaling_rejects             0 
_reflns.pdbx_d_res_high_opt              ? 
_reflns.pdbx_d_res_low_opt               ? 
_reflns.pdbx_d_res_opt_method            ? 
_reflns.phase_calculation_details        ? 
_reflns.pdbx_Rrim_I_all                  0.063 
_reflns.pdbx_Rpim_I_all                  0.032 
_reflns.pdbx_d_opt                       ? 
_reflns.pdbx_number_measured_all         47091 
_reflns.pdbx_diffrn_id                   1 
_reflns.pdbx_ordinal                     1 
_reflns.pdbx_CC_half                     0.999 
_reflns.pdbx_R_split                     ? 
# 
loop_
_reflns_shell.d_res_high 
_reflns_shell.d_res_low 
_reflns_shell.meanI_over_sigI_all 
_reflns_shell.meanI_over_sigI_obs 
_reflns_shell.number_measured_all 
_reflns_shell.number_measured_obs 
_reflns_shell.number_possible 
_reflns_shell.number_unique_all 
_reflns_shell.number_unique_obs 
_reflns_shell.percent_possible_all 
_reflns_shell.percent_possible_obs 
_reflns_shell.Rmerge_F_all 
_reflns_shell.Rmerge_F_obs 
_reflns_shell.Rmerge_I_all 
_reflns_shell.Rmerge_I_obs 
_reflns_shell.meanI_over_sigI_gt 
_reflns_shell.meanI_over_uI_all 
_reflns_shell.meanI_over_uI_gt 
_reflns_shell.number_measured_gt 
_reflns_shell.number_unique_gt 
_reflns_shell.percent_possible_gt 
_reflns_shell.Rmerge_F_gt 
_reflns_shell.Rmerge_I_gt 
_reflns_shell.pdbx_redundancy 
_reflns_shell.pdbx_Rsym_value 
_reflns_shell.pdbx_chi_squared 
_reflns_shell.pdbx_netI_over_sigmaI_all 
_reflns_shell.pdbx_netI_over_sigmaI_obs 
_reflns_shell.pdbx_Rrim_I_all 
_reflns_shell.pdbx_Rpim_I_all 
_reflns_shell.pdbx_rejects 
_reflns_shell.pdbx_ordinal 
_reflns_shell.pdbx_diffrn_id 
_reflns_shell.pdbx_CC_half 
_reflns_shell.pdbx_R_split 
1.400 1.420  ? ? 1743 ? ? 564 ? 87.700 ? ? ? ? 0.400 ? ? ? ? ? ? ? ? 3.100 ? ? ? 3.300  0.487 0.272 ? 1 1 0.817 ? 
7.540 36.230 ? ? 303  ? ? 92  ? 98.100 ? ? ? ? 0.026 ? ? ? ? ? ? ? ? 3.300 ? ? ? 41.900 0.031 0.017 ? 2 1 0.998 ? 
# 
_refine.aniso_B[1][1]                            -0.6000 
_refine.aniso_B[1][2]                            -0.0000 
_refine.aniso_B[1][3]                            -0.3800 
_refine.aniso_B[2][2]                            -0.2600 
_refine.aniso_B[2][3]                            0.0000 
_refine.aniso_B[3][3]                            0.9300 
_refine.B_iso_max                                47.960 
_refine.B_iso_mean                               12.0970 
_refine.B_iso_min                                5.010 
_refine.correlation_coeff_Fo_to_Fc               0.9750 
_refine.correlation_coeff_Fo_to_Fc_free          0.9680 
_refine.details                                  
;ARP/WARP was used for map improvement. COOT was used for interactive model building. Model geometry was evaluated with MOLPROBITY. Residue numbering follows the precedence from PDB entry 3CQT.
;
_refine.diff_density_max                         ? 
_refine.diff_density_max_esd                     ? 
_refine.diff_density_min                         ? 
_refine.diff_density_min_esd                     ? 
_refine.diff_density_rms                         ? 
_refine.diff_density_rms_esd                     ? 
_refine.entry_id                                 6EDF 
_refine.pdbx_refine_id                           'X-RAY DIFFRACTION' 
_refine.ls_abs_structure_details                 ? 
_refine.ls_abs_structure_Flack                   ? 
_refine.ls_abs_structure_Flack_esd               ? 
_refine.ls_abs_structure_Rogers                  ? 
_refine.ls_abs_structure_Rogers_esd              ? 
_refine.ls_d_res_high                            1.4000 
_refine.ls_d_res_low                             26.2700 
_refine.ls_extinction_coef                       ? 
_refine.ls_extinction_coef_esd                   ? 
_refine.ls_extinction_expression                 ? 
_refine.ls_extinction_method                     ? 
_refine.ls_goodness_of_fit_all                   ? 
_refine.ls_goodness_of_fit_all_esd               ? 
_refine.ls_goodness_of_fit_obs                   ? 
_refine.ls_goodness_of_fit_obs_esd               ? 
_refine.ls_hydrogen_treatment                    ? 
_refine.ls_matrix_type                           ? 
_refine.ls_number_constraints                    ? 
_refine.ls_number_parameters                     ? 
_refine.ls_number_reflns_all                     ? 
_refine.ls_number_reflns_obs                     12154 
_refine.ls_number_reflns_R_free                  619 
_refine.ls_number_reflns_R_work                  ? 
_refine.ls_number_restraints                     ? 
_refine.ls_percent_reflns_obs                    98.2400 
_refine.ls_percent_reflns_R_free                 4.8000 
_refine.ls_R_factor_all                          ? 
_refine.ls_R_factor_obs                          0.1448 
_refine.ls_R_factor_R_free                       0.1721 
_refine.ls_R_factor_R_free_error                 ? 
_refine.ls_R_factor_R_free_error_details         ? 
_refine.ls_R_factor_R_work                       0.1434 
_refine.ls_R_Fsqd_factor_obs                     ? 
_refine.ls_R_I_factor_obs                        ? 
_refine.ls_redundancy_reflns_all                 ? 
_refine.ls_redundancy_reflns_obs                 ? 
_refine.ls_restrained_S_all                      ? 
_refine.ls_restrained_S_obs                      ? 
_refine.ls_shift_over_esd_max                    ? 
_refine.ls_shift_over_esd_mean                   ? 
_refine.ls_structure_factor_coef                 ? 
_refine.ls_weighting_details                     ? 
_refine.ls_weighting_scheme                      ? 
_refine.ls_wR_factor_all                         ? 
_refine.ls_wR_factor_obs                         ? 
_refine.ls_wR_factor_R_free                      ? 
_refine.ls_wR_factor_R_work                      ? 
_refine.occupancy_max                            ? 
_refine.occupancy_min                            ? 
_refine.solvent_model_details                    ? 
_refine.solvent_model_param_bsol                 ? 
_refine.solvent_model_param_ksol                 ? 
_refine.ls_R_factor_gt                           ? 
_refine.ls_goodness_of_fit_gt                    ? 
_refine.ls_goodness_of_fit_ref                   ? 
_refine.ls_shift_over_su_max                     ? 
_refine.ls_shift_over_su_max_lt                  ? 
_refine.ls_shift_over_su_mean                    ? 
_refine.ls_shift_over_su_mean_lt                 ? 
_refine.pdbx_ls_sigma_I                          ? 
_refine.pdbx_ls_sigma_F                          0.000 
_refine.pdbx_ls_sigma_Fsqd                       ? 
_refine.pdbx_data_cutoff_high_absF               ? 
_refine.pdbx_data_cutoff_high_rms_absF           ? 
_refine.pdbx_data_cutoff_low_absF                ? 
_refine.pdbx_isotropic_thermal_model             ? 
_refine.pdbx_ls_cross_valid_method               THROUGHOUT 
_refine.pdbx_method_to_determine_struct          'MOLECULAR REPLACEMENT' 
_refine.pdbx_starting_model                      'PDB entry 3UF4' 
_refine.pdbx_stereochemistry_target_values       ? 
_refine.pdbx_R_Free_selection_details            ? 
_refine.pdbx_stereochem_target_val_spec_case     ? 
_refine.pdbx_overall_ESU_R                       0.0560 
_refine.pdbx_overall_ESU_R_Free                  0.0590 
_refine.pdbx_solvent_vdw_probe_radii             1.2000 
_refine.pdbx_solvent_ion_probe_radii             0.8000 
_refine.pdbx_solvent_shrinkage_radii             0.8000 
_refine.pdbx_real_space_R                        ? 
_refine.pdbx_density_correlation                 ? 
_refine.pdbx_pd_number_of_powder_patterns        ? 
_refine.pdbx_pd_number_of_points                 ? 
_refine.pdbx_pd_meas_number_of_points            ? 
_refine.pdbx_pd_proc_ls_prof_R_factor            ? 
_refine.pdbx_pd_proc_ls_prof_wR_factor           ? 
_refine.pdbx_pd_Marquardt_correlation_coeff      ? 
_refine.pdbx_pd_Fsqrd_R_factor                   ? 
_refine.pdbx_pd_ls_matrix_band_width             ? 
_refine.pdbx_overall_phase_error                 ? 
_refine.pdbx_overall_SU_R_free_Cruickshank_DPI   ? 
_refine.pdbx_overall_SU_R_free_Blow_DPI          ? 
_refine.pdbx_overall_SU_R_Blow_DPI               ? 
_refine.pdbx_TLS_residual_ADP_flag               ? 
_refine.pdbx_diffrn_id                           1 
_refine.overall_SU_B                             1.0030 
_refine.overall_SU_ML                            0.0400 
_refine.overall_SU_R_Cruickshank_DPI             ? 
_refine.overall_SU_R_free                        ? 
_refine.overall_FOM_free_R_set                   ? 
_refine.overall_FOM_work_R_set                   ? 
_refine.pdbx_average_fsc_overall                 ? 
_refine.pdbx_average_fsc_work                    ? 
_refine.pdbx_average_fsc_free                    ? 
# 
_refine_hist.cycle_id                         final 
_refine_hist.pdbx_refine_id                   'X-RAY DIFFRACTION' 
_refine_hist.d_res_high                       1.4000 
_refine_hist.d_res_low                        26.2700 
_refine_hist.pdbx_number_atoms_ligand         20 
_refine_hist.number_atoms_solvent             61 
_refine_hist.number_atoms_total               668 
_refine_hist.pdbx_number_residues_total       77 
_refine_hist.pdbx_B_iso_mean_ligand           22.96 
_refine_hist.pdbx_B_iso_mean_solvent          20.05 
_refine_hist.pdbx_number_atoms_protein        587 
_refine_hist.pdbx_number_atoms_nucleic_acid   0 
# 
loop_
_refine_ls_restr.pdbx_refine_id 
_refine_ls_restr.criterion 
_refine_ls_restr.dev_ideal 
_refine_ls_restr.dev_ideal_target 
_refine_ls_restr.number 
_refine_ls_restr.rejects 
_refine_ls_restr.type 
_refine_ls_restr.weight 
_refine_ls_restr.pdbx_restraint_function 
'X-RAY DIFFRACTION' ? 0.016  0.014  635  ? r_bond_refined_d       ? ? 
'X-RAY DIFFRACTION' ? 0.001  0.017  557  ? r_bond_other_d         ? ? 
'X-RAY DIFFRACTION' ? 1.848  1.662  869  ? r_angle_refined_deg    ? ? 
'X-RAY DIFFRACTION' ? 1.102  1.657  1302 ? r_angle_other_deg      ? ? 
'X-RAY DIFFRACTION' ? 6.004  5.000  84   ? r_dihedral_angle_1_deg ? ? 
'X-RAY DIFFRACTION' ? 23.291 20.625 32   ? r_dihedral_angle_2_deg ? ? 
'X-RAY DIFFRACTION' ? 10.424 15.000 96   ? r_dihedral_angle_3_deg ? ? 
'X-RAY DIFFRACTION' ? 27.296 15.000 5    ? r_dihedral_angle_4_deg ? ? 
'X-RAY DIFFRACTION' ? 0.100  0.200  83   ? r_chiral_restr         ? ? 
'X-RAY DIFFRACTION' ? 0.011  0.020  733  ? r_gen_planes_refined   ? ? 
'X-RAY DIFFRACTION' ? 0.001  0.020  127  ? r_gen_planes_other     ? ? 
'X-RAY DIFFRACTION' ? 1.914  1.193  321  ? r_mcbond_it            ? ? 
'X-RAY DIFFRACTION' ? 1.809  1.183  320  ? r_mcbond_other         ? ? 
'X-RAY DIFFRACTION' ? 2.790  1.770  402  ? r_mcangle_it           ? ? 
# 
_refine_ls_shell.pdbx_refine_id                   'X-RAY DIFFRACTION' 
_refine_ls_shell.d_res_high                       1.4000 
_refine_ls_shell.d_res_low                        1.4360 
_refine_ls_shell.number_reflns_all                825 
_refine_ls_shell.number_reflns_obs                ? 
_refine_ls_shell.number_reflns_R_free             42 
_refine_ls_shell.number_reflns_R_work             783 
_refine_ls_shell.percent_reflns_obs               87.8600 
_refine_ls_shell.percent_reflns_R_free            ? 
_refine_ls_shell.R_factor_all                     ? 
_refine_ls_shell.R_factor_obs                     ? 
_refine_ls_shell.R_factor_R_free                  0.1650 
_refine_ls_shell.R_factor_R_free_error            ? 
_refine_ls_shell.R_factor_R_work                  0.2260 
_refine_ls_shell.redundancy_reflns_all            ? 
_refine_ls_shell.redundancy_reflns_obs            ? 
_refine_ls_shell.wR_factor_all                    ? 
_refine_ls_shell.wR_factor_obs                    ? 
_refine_ls_shell.wR_factor_R_free                 ? 
_refine_ls_shell.wR_factor_R_work                 ? 
_refine_ls_shell.pdbx_total_number_of_bins_used   20 
_refine_ls_shell.pdbx_phase_error                 ? 
_refine_ls_shell.pdbx_fsc_work                    ? 
_refine_ls_shell.pdbx_fsc_free                    ? 
# 
_struct.entry_id                     6EDF 
_struct.title                        'Fragment of a tyrosine-protein kinase' 
_struct.pdbx_model_details           ? 
_struct.pdbx_formula_weight          ? 
_struct.pdbx_formula_weight_method   ? 
_struct.pdbx_model_type_details      ? 
_struct.pdbx_CASP_flag               N 
# 
_struct_keywords.entry_id        6EDF 
_struct_keywords.text            'structural genomics, Structural Genomics Consortium, SGC, TRANSFERASE' 
_struct_keywords.pdbx_keywords   TRANSFERASE 
# 
loop_
_struct_asym.id 
_struct_asym.pdbx_blank_PDB_chainid_flag 
_struct_asym.pdbx_modified 
_struct_asym.entity_id 
_struct_asym.details 
A N N 1 ? 
B N N 2 ? 
C N N 3 ? 
D N N 3 ? 
E N N 3 ? 
F N N 3 ? 
G N N 3 ? 
H N N 3 ? 
I N N 3 ? 
J N N 3 ? 
K N N 3 ? 
L N N 3 ? 
M N N 3 ? 
N N N 3 ? 
O N N 3 ? 
P N N 3 ? 
Q N N 4 ? 
# 
_struct_conf.conf_type_id            HELX_P 
_struct_conf.id                      HELX_P1 
_struct_conf.pdbx_PDB_helix_id       AA1 
_struct_conf.beg_label_comp_id       MET 
_struct_conf.beg_label_asym_id       A 
_struct_conf.beg_label_seq_id        66 
_struct_conf.pdbx_beg_PDB_ins_code   ? 
_struct_conf.end_label_comp_id       ASN 
_struct_conf.end_label_asym_id       A 
_struct_conf.end_label_seq_id        77 
_struct_conf.pdbx_end_PDB_ins_code   ? 
_struct_conf.beg_auth_comp_id        MET 
_struct_conf.beg_auth_asym_id        A 
_struct_conf.beg_auth_seq_id         64 
_struct_conf.end_auth_comp_id        ASN 
_struct_conf.end_auth_asym_id        A 
_struct_conf.end_auth_seq_id         75 
_struct_conf.pdbx_PDB_helix_class    1 
_struct_conf.details                 ? 
_struct_conf.pdbx_PDB_helix_length   12 
# 
_struct_conf_type.id          HELX_P 
_struct_conf_type.criteria    ? 
_struct_conf_type.reference   ? 
# 
_struct_sheet.id               AA1 
_struct_sheet.type             ? 
_struct_sheet.number_strands   5 
_struct_sheet.details          ? 
# 
loop_
_struct_sheet_order.sheet_id 
_struct_sheet_order.range_id_1 
_struct_sheet_order.range_id_2 
_struct_sheet_order.offset 
_struct_sheet_order.sense 
AA1 1 2 ? anti-parallel 
AA1 2 3 ? anti-parallel 
AA1 3 4 ? anti-parallel 
AA1 4 5 ? anti-parallel 
# 
loop_
_struct_sheet_range.sheet_id 
_struct_sheet_range.id 
_struct_sheet_range.beg_label_comp_id 
_struct_sheet_range.beg_label_asym_id 
_struct_sheet_range.beg_label_seq_id 
_struct_sheet_range.pdbx_beg_PDB_ins_code 
_struct_sheet_range.end_label_comp_id 
_struct_sheet_range.end_label_asym_id 
_struct_sheet_range.end_label_seq_id 
_struct_sheet_range.pdbx_end_PDB_ins_code 
_struct_sheet_range.beg_auth_comp_id 
_struct_sheet_range.beg_auth_asym_id 
_struct_sheet_range.beg_auth_seq_id 
_struct_sheet_range.end_auth_comp_id 
_struct_sheet_range.end_auth_asym_id 
_struct_sheet_range.end_auth_seq_id 
AA1 1 THR A 49 ? PRO A 53 ? THR A 47 PRO A 51 
AA1 2 TRP A 38 ? SER A 43 ? TRP A 36 SER A 41 
AA1 3 LYS A 27 ? ASN A 32 ? LYS A 25 ASN A 30 
AA1 4 PHE A 6  ? ALA A 8  ? PHE A 4  ALA A 6  
AA1 5 VAL A 57 ? PRO A 59 ? VAL A 55 PRO A 57 
# 
loop_
_pdbx_struct_sheet_hbond.sheet_id 
_pdbx_struct_sheet_hbond.range_id_1 
_pdbx_struct_sheet_hbond.range_id_2 
_pdbx_struct_sheet_hbond.range_1_label_atom_id 
_pdbx_struct_sheet_hbond.range_1_label_comp_id 
_pdbx_struct_sheet_hbond.range_1_label_asym_id 
_pdbx_struct_sheet_hbond.range_1_label_seq_id 
_pdbx_struct_sheet_hbond.range_1_PDB_ins_code 
_pdbx_struct_sheet_hbond.range_1_auth_atom_id 
_pdbx_struct_sheet_hbond.range_1_auth_comp_id 
_pdbx_struct_sheet_hbond.range_1_auth_asym_id 
_pdbx_struct_sheet_hbond.range_1_auth_seq_id 
_pdbx_struct_sheet_hbond.range_2_label_atom_id 
_pdbx_struct_sheet_hbond.range_2_label_comp_id 
_pdbx_struct_sheet_hbond.range_2_label_asym_id 
_pdbx_struct_sheet_hbond.range_2_label_seq_id 
_pdbx_struct_sheet_hbond.range_2_PDB_ins_code 
_pdbx_struct_sheet_hbond.range_2_auth_atom_id 
_pdbx_struct_sheet_hbond.range_2_auth_comp_id 
_pdbx_struct_sheet_hbond.range_2_auth_asym_id 
_pdbx_struct_sheet_hbond.range_2_auth_seq_id 
AA1 1 2 O GLY A 50 ? O GLY A 48 N VAL A 41 ? N VAL A 39 
AA1 2 3 O GLU A 40 ? O GLU A 38 N LEU A 31 ? N LEU A 29 
AA1 3 4 O VAL A 28 ? O VAL A 26 N PHE A 6  ? N PHE A 4  
AA1 4 5 N VAL A 7  ? N VAL A 5  O ALA A 58 ? O ALA A 56 
# 
_struct_site.id                   AC1 
_struct_site.pdbx_evidence_code   Software 
_struct_site.pdbx_auth_asym_id    A 
_struct_site.pdbx_auth_comp_id    GOL 
_struct_site.pdbx_auth_seq_id     101 
_struct_site.pdbx_auth_ins_code   ? 
_struct_site.pdbx_num_residues    4 
_struct_site.details              'binding site for residue GOL A 101' 
# 
loop_
_struct_site_gen.id 
_struct_site_gen.site_id 
_struct_site_gen.pdbx_num_res 
_struct_site_gen.label_comp_id 
_struct_site_gen.label_asym_id 
_struct_site_gen.label_seq_id 
_struct_site_gen.pdbx_auth_ins_code 
_struct_site_gen.auth_comp_id 
_struct_site_gen.auth_asym_id 
_struct_site_gen.auth_seq_id 
_struct_site_gen.label_atom_id 
_struct_site_gen.label_alt_id 
_struct_site_gen.symmetry 
_struct_site_gen.details 
1 AC1 4 GLU A 48 ? GLU A 46  . ? 1_555 ? 
2 AC1 4 HOH Q .  ? HOH A 209 . ? 1_555 ? 
3 AC1 4 HOH Q .  ? HOH A 235 . ? 1_555 ? 
4 AC1 4 HOH Q .  ? HOH A 250 . ? 1_455 ? 
# 
_atom_sites.entry_id                    6EDF 
_atom_sites.fract_transf_matrix[1][1]   0.01669286 
_atom_sites.fract_transf_matrix[1][2]   -0.01390012 
_atom_sites.fract_transf_matrix[1][3]   -0.03625444 
_atom_sites.fract_transf_matrix[2][1]   0.02529753 
_atom_sites.fract_transf_matrix[2][2]   0.00562885 
_atom_sites.fract_transf_matrix[2][3]   0.00948977 
_atom_sites.fract_transf_matrix[3][1]   0.00331467 
_atom_sites.fract_transf_matrix[3][2]   -0.02528666 
_atom_sites.fract_transf_matrix[3][3]   0.00616262 
_atom_sites.fract_transf_vector[1]      -0.241680 
_atom_sites.fract_transf_vector[2]      -0.238443 
_atom_sites.fract_transf_vector[3]      -0.502528 
# 
loop_
_atom_type.symbol 
C 
N 
O 
S 
X 
# 
loop_
_atom_site.group_PDB 
_atom_site.id 
_atom_site.type_symbol 
_atom_site.label_atom_id 
_atom_site.label_alt_id 
_atom_site.label_comp_id 
_atom_site.label_asym_id 
_atom_site.label_entity_id 
_atom_site.label_seq_id 
_atom_site.pdbx_PDB_ins_code 
_atom_site.Cartn_x 
_atom_site.Cartn_y 
_atom_site.Cartn_z 
_atom_site.occupancy 
_atom_site.B_iso_or_equiv 
_atom_site.pdbx_formal_charge 
_atom_site.auth_seq_id 
_atom_site.auth_comp_id 
_atom_site.auth_asym_id 
_atom_site.auth_atom_id 
_atom_site.pdbx_PDB_model_num 
ATOM   1   N N   . GLY A 1 1  ? 2.000   17.905  7.892   1.00 43.10 ? -1  GLY A N   1 
ATOM   2   C CA  . GLY A 1 1  ? 0.828   17.310  7.198   1.00 44.78 ? -1  GLY A CA  1 
ATOM   3   C C   . GLY A 1 1  ? 0.631   15.863  7.626   1.00 47.33 ? -1  GLY A C   1 
ATOM   4   O O   . GLY A 1 1  ? 1.361   15.360  8.466   1.00 40.46 ? -1  GLY A O   1 
ATOM   5   N N   . GLY A 1 2  ? -0.400  15.213  7.085   1.00 47.03 ? 0   GLY A N   1 
ATOM   6   C CA  . GLY A 1 2  ? -0.770  13.851  7.497   1.00 47.96 ? 0   GLY A CA  1 
ATOM   7   C C   . GLY A 1 2  ? 0.056   12.789  6.782   1.00 46.34 ? 0   GLY A C   1 
ATOM   8   O O   . GLY A 1 2  ? 0.888   13.097  5.901   1.00 40.51 ? 0   GLY A O   1 
ATOM   9   N N   . VAL A 1 3  ? -0.187  11.534  7.178   1.00 38.22 ? 1   VAL A N   1 
ATOM   10  C CA  . VAL A 1 3  ? 0.429   10.351  6.569   1.00 40.36 ? 1   VAL A CA  1 
ATOM   11  C C   . VAL A 1 3  ? 0.092   10.347  5.066   1.00 31.42 ? 1   VAL A C   1 
ATOM   12  O O   . VAL A 1 3  ? -1.011  10.737  4.699   1.00 35.16 ? 1   VAL A O   1 
ATOM   13  C CB  . VAL A 1 3  ? -0.062  9.060   7.261   1.00 35.98 ? 1   VAL A CB  1 
ATOM   14  N N   . THR A 1 4  ? 1.037   9.905   4.218   1.00 26.13 ? 2   THR A N   1 
ATOM   15  C CA  . THR A 1 4  ? 0.726   9.493   2.845   1.00 19.91 ? 2   THR A CA  1 
ATOM   16  C C   . THR A 1 4  ? 0.225   8.035   2.820   1.00 16.72 ? 2   THR A C   1 
ATOM   17  O O   . THR A 1 4  ? 1.004   7.121   3.091   1.00 18.77 ? 2   THR A O   1 
ATOM   18  C CB  . THR A 1 4  ? 1.904   9.496   1.864   1.00 27.51 ? 2   THR A CB  1 
ATOM   19  O OG1 . THR A 1 4  ? 2.370   10.843  1.887   1.00 37.33 ? 2   THR A OG1 1 
ATOM   20  C CG2 . THR A 1 4  ? 1.499   9.100   0.465   1.00 29.31 ? 2   THR A CG2 1 
ATOM   21  N N   . LEU A 1 5  ? -1.020  7.829   2.427   1.00 10.57 ? 3   LEU A N   1 
ATOM   22  C CA  . LEU A 1 5  ? -1.523  6.479   2.419   1.00 10.58 ? 3   LEU A CA  1 
ATOM   23  C C   . LEU A 1 5  ? -1.217  5.738   1.126   1.00 9.98  ? 3   LEU A C   1 
ATOM   24  O O   . LEU A 1 5  ? -1.000  6.302   0.062   1.00 9.25  ? 3   LEU A O   1 
ATOM   25  C CB  . LEU A 1 5  ? -3.009  6.454   2.673   1.00 11.27 ? 3   LEU A CB  1 
ATOM   26  C CG  . LEU A 1 5  ? -3.394  6.949   4.078   1.00 14.23 ? 3   LEU A CG  1 
ATOM   27  C CD1 . LEU A 1 5  ? -4.878  6.692   4.269   1.00 16.49 ? 3   LEU A CD1 1 
ATOM   28  C CD2 . LEU A 1 5  ? -2.531  6.365   5.228   1.00 14.57 ? 3   LEU A CD2 1 
ATOM   29  N N   . PHE A 1 6  ? -1.087  4.423   1.292   1.00 7.98  ? 4   PHE A N   1 
ATOM   30  C CA  . PHE A 1 6  ? -0.899  3.495   0.188   1.00 7.72  ? 4   PHE A CA  1 
ATOM   31  C C   . PHE A 1 6  ? -2.098  2.569   0.082   1.00 6.94  ? 4   PHE A C   1 
ATOM   32  O O   . PHE A 1 6  ? -2.909  2.446   1.002   1.00 7.13  ? 4   PHE A O   1 
ATOM   33  C CB  . PHE A 1 6  ? 0.384   2.685   0.354   1.00 8.38  ? 4   PHE A CB  1 
ATOM   34  C CG  . PHE A 1 6  ? 1.646   3.453   -0.029  1.00 8.00  ? 4   PHE A CG  1 
ATOM   35  C CD1 . PHE A 1 6  ? 2.006   4.643   0.599   1.00 9.23  ? 4   PHE A CD1 1 
ATOM   36  C CD2 . PHE A 1 6  ? 2.463   2.950   -0.969  1.00 8.64  ? 4   PHE A CD2 1 
ATOM   37  C CE1 . PHE A 1 6  ? 3.186   5.306   0.220   1.00 8.76  ? 4   PHE A CE1 1 
ATOM   38  C CE2 . PHE A 1 6  ? 3.595   3.643   -1.381  1.00 8.42  ? 4   PHE A CE2 1 
ATOM   39  C CZ  . PHE A 1 6  ? 3.932   4.808   -0.767  1.00 8.92  ? 4   PHE A CZ  1 
ATOM   40  N N   . VAL A 1 7  ? -2.184  1.898   -1.039  1.00 7.29  ? 5   VAL A N   1 
ATOM   41  C CA  . VAL A 1 7  ? -3.319  1.000   -1.291  1.00 7.02  ? 5   VAL A CA  1 
ATOM   42  C C   . VAL A 1 7  ? -2.731  -0.321  -1.787  1.00 7.73  ? 5   VAL A C   1 
ATOM   43  O O   . VAL A 1 7  ? -1.742  -0.348  -2.601  1.00 8.24  ? 5   VAL A O   1 
ATOM   44  C CB  . VAL A 1 7  ? -4.290  1.624   -2.338  1.00 7.40  ? 5   VAL A CB  1 
ATOM   45  C CG1 . VAL A 1 7  ? -3.671  1.897   -3.685  1.00 9.01  ? 5   VAL A CG1 1 
ATOM   46  C CG2 . VAL A 1 7  ? -5.527  0.743   -2.520  1.00 9.11  ? 5   VAL A CG2 1 
ATOM   47  N N   . ALA A 1 8  ? -3.364  -1.397  -1.427  1.00 6.38  ? 6   ALA A N   1 
ATOM   48  C CA  . ALA A 1 8  ? -3.039  -2.720  -1.933  1.00 5.93  ? 6   ALA A CA  1 
ATOM   49  C C   . ALA A 1 8  ? -3.501  -2.862  -3.401  1.00 7.07  ? 6   ALA A C   1 
ATOM   50  O O   . ALA A 1 8  ? -4.692  -2.720  -3.694  1.00 7.93  ? 6   ALA A O   1 
ATOM   51  C CB  . ALA A 1 8  ? -3.644  -3.824  -1.109  1.00 7.02  ? 6   ALA A CB  1 
ATOM   52  N N   . LEU A 1 9  ? -2.557  -3.169  -4.297  1.00 7.01  ? 7   LEU A N   1 
ATOM   53  C CA  . LEU A 1 9  ? -2.834  -3.334  -5.706  1.00 7.12  ? 7   LEU A CA  1 
ATOM   54  C C   . LEU A 1 9  ? -3.442  -4.674  -6.020  1.00 9.18  ? 7   LEU A C   1 
ATOM   55  O O   . LEU A 1 9  ? -4.220  -4.784  -7.010  1.00 9.52  ? 7   LEU A O   1 
ATOM   56  C CB  . LEU A 1 9  ? -1.527  -3.170  -6.483  1.00 7.98  ? 7   LEU A CB  1 
ATOM   57  C CG  . LEU A 1 9  ? -0.853  -1.837  -6.428  1.00 7.84  ? 7   LEU A CG  1 
ATOM   58  C CD1 . LEU A 1 9  ? 0.490   -1.912  -7.135  1.00 8.24  ? 7   LEU A CD1 1 
ATOM   59  C CD2 . LEU A 1 9  ? -1.703  -0.724  -7.028  1.00 7.97  ? 7   LEU A CD2 1 
ATOM   60  N N   . TYR A 1 10 ? -3.078  -5.668  -5.247  1.00 8.66  ? 8   TYR A N   1 
ATOM   61  C CA  . TYR A 1 10 ? -3.360  -7.043  -5.480  1.00 9.46  ? 8   TYR A CA  1 
ATOM   62  C C   . TYR A 1 10 ? -3.635  -7.670  -4.128  1.00 10.90 ? 8   TYR A C   1 
ATOM   63  O O   . TYR A 1 10 ? -3.002  -7.316  -3.117  1.00 11.33 ? 8   TYR A O   1 
ATOM   64  C CB  . TYR A 1 10 ? -2.215  -7.815  -6.133  1.00 10.14 ? 8   TYR A CB  1 
ATOM   65  C CG  . TYR A 1 10 ? -1.694  -7.151  -7.368  1.00 9.09  ? 8   TYR A CG  1 
ATOM   66  C CD1 . TYR A 1 10 ? -2.536  -6.953  -8.452  1.00 11.46 ? 8   TYR A CD1 1 
ATOM   67  C CD2 . TYR A 1 10 ? -0.415  -6.678  -7.455  1.00 9.31  ? 8   TYR A CD2 1 
ATOM   68  C CE1 . TYR A 1 10 ? -2.091  -6.283  -9.579  1.00 10.91 ? 8   TYR A CE1 1 
ATOM   69  C CE2 . TYR A 1 10 ? 0.044   -5.977  -8.564  1.00 10.80 ? 8   TYR A CE2 1 
ATOM   70  C CZ  . TYR A 1 10 ? -0.837  -5.758  -9.634  1.00 8.69  ? 8   TYR A CZ  1 
ATOM   71  O OH  . TYR A 1 10 ? -0.388  -5.151  -10.766 1.00 10.10 ? 8   TYR A OH  1 
ATOM   72  N N   . ASP A 1 11 ? -4.370  -8.756  -4.135  1.00 11.35 ? 9   ASP A N   1 
ATOM   73  C CA  . ASP A 1 11 ? -4.477  -9.589  -2.959  1.00 10.77 ? 9   ASP A CA  1 
ATOM   74  C C   . ASP A 1 11 ? -3.135  -10.227 -2.618  1.00 10.80 ? 9   ASP A C   1 
ATOM   75  O O   . ASP A 1 11 ? -2.391  -10.637 -3.491  1.00 13.20 ? 9   ASP A O   1 
ATOM   76  C CB  . ASP A 1 11 ? -5.442  -10.753 -3.185  1.00 10.92 ? 9   ASP A CB  1 
ATOM   77  C CG  . ASP A 1 11 ? -6.912  -10.399 -3.309  1.00 18.25 ? 9   ASP A CG  1 
ATOM   78  O OD1 . ASP A 1 11 ? -7.355  -9.311  -2.913  1.00 16.19 ? 9   ASP A OD1 1 
ATOM   79  O OD2 . ASP A 1 11 ? -7.661  -11.251 -3.811  1.00 22.58 ? 9   ASP A OD2 1 
ATOM   80  N N   . TYR A 1 12 ? -2.800  -10.256 -1.332  1.00 9.61  ? 10  TYR A N   1 
ATOM   81  C CA  . TYR A 1 12 ? -1.605  -10.900 -0.875  1.00 10.18 ? 10  TYR A CA  1 
ATOM   82  C C   . TYR A 1 12 ? -2.011  -11.754 0.314   1.00 11.87 ? 10  TYR A C   1 
ATOM   83  O O   . TYR A 1 12 ? -2.564  -11.241 1.276   1.00 10.95 ? 10  TYR A O   1 
ATOM   84  C CB  . TYR A 1 12 ? -0.468  -9.928  -0.546  1.00 8.67  ? 10  TYR A CB  1 
ATOM   85  C CG  . TYR A 1 12 ? 0.720   -10.663 0.054   1.00 8.30  ? 10  TYR A CG  1 
ATOM   86  C CD1 . TYR A 1 12 ? 1.677   -11.253 -0.776  1.00 9.80  ? 10  TYR A CD1 1 
ATOM   87  C CD2 . TYR A 1 12 ? 0.928   -10.746 1.415   1.00 8.78  ? 10  TYR A CD2 1 
ATOM   88  C CE1 . TYR A 1 12 ? 2.689   -12.048 -0.251  1.00 8.63  ? 10  TYR A CE1 1 
ATOM   89  C CE2 . TYR A 1 12 ? 1.987   -11.440 1.946   1.00 8.47  ? 10  TYR A CE2 1 
ATOM   90  C CZ  . TYR A 1 12 ? 2.857   -12.125 1.104   1.00 9.08  ? 10  TYR A CZ  1 
ATOM   91  O OH  . TYR A 1 12 ? 3.893   -12.855 1.611   1.00 10.82 ? 10  TYR A OH  1 
ATOM   92  N N   . GLU A 1 13 ? -1.639  -13.051 0.308   1.00 11.86 ? 11  GLU A N   1 
ATOM   93  C CA  A GLU A 1 13 ? -1.961  -13.931 1.422   0.70 13.20 ? 11  GLU A CA  1 
ATOM   94  C CA  B GLU A 1 13 ? -1.954  -13.962 1.393   0.30 12.05 ? 11  GLU A CA  1 
ATOM   95  C C   . GLU A 1 13 ? -0.704  -14.216 2.224   1.00 12.93 ? 11  GLU A C   1 
ATOM   96  O O   . GLU A 1 13 ? 0.301   -14.683 1.696   1.00 12.69 ? 11  GLU A O   1 
ATOM   97  C CB  A GLU A 1 13 ? -2.564  -15.252 0.919   0.70 17.70 ? 11  GLU A CB  1 
ATOM   98  C CB  B GLU A 1 13 ? -2.428  -15.301 0.826   0.30 12.40 ? 11  GLU A CB  1 
ATOM   99  C CG  A GLU A 1 13 ? -4.052  -15.171 0.589   0.70 19.02 ? 11  GLU A CG  1 
ATOM   100 C CD  A GLU A 1 13 ? -5.022  -15.354 1.764   0.70 21.40 ? 11  GLU A CD  1 
ATOM   101 O OE1 A GLU A 1 13 ? -4.570  -15.397 2.953   0.70 22.46 ? 11  GLU A OE1 1 
ATOM   102 O OE2 A GLU A 1 13 ? -6.268  -15.458 1.496   0.70 27.06 ? 11  GLU A OE2 1 
ATOM   103 N N   . ALA A 1 14 ? -0.761  -13.938 3.533   1.00 12.56 ? 12  ALA A N   1 
ATOM   104 C CA  . ALA A 1 14 ? 0.359   -14.199 4.394   1.00 14.64 ? 12  ALA A CA  1 
ATOM   105 C C   . ALA A 1 14 ? 0.666   -15.702 4.385   1.00 16.40 ? 12  ALA A C   1 
ATOM   106 O O   . ALA A 1 14 ? -0.219  -16.516 4.406   1.00 16.94 ? 12  ALA A O   1 
ATOM   107 C CB  . ALA A 1 14 ? -0.009  -13.765 5.791   1.00 15.39 ? 12  ALA A CB  1 
ATOM   108 N N   . ARG A 1 15 ? 1.934   -15.999 4.270   1.00 15.73 ? 13  ARG A N   1 
ATOM   109 C CA  . ARG A 1 15 ? 2.415   -17.425 4.282   1.00 17.89 ? 13  ARG A CA  1 
ATOM   110 C C   . ARG A 1 15 ? 3.172   -17.771 5.565   1.00 21.46 ? 13  ARG A C   1 
ATOM   111 O O   . ARG A 1 15 ? 3.327   -18.994 5.861   1.00 22.95 ? 13  ARG A O   1 
ATOM   112 C CB  . ARG A 1 15 ? 3.295   -17.654 3.048   1.00 21.20 ? 13  ARG A CB  1 
ATOM   113 C CG  . ARG A 1 15 ? 2.593   -17.577 1.705   1.00 23.77 ? 13  ARG A CG  1 
ATOM   114 C CD  . ARG A 1 15 ? 1.766   -18.786 1.264   1.00 31.56 ? 13  ARG A CD  1 
ATOM   115 N NE  . ARG A 1 15 ? 0.799   -18.421 0.215   1.00 34.83 ? 13  ARG A NE  1 
ATOM   116 C CZ  . ARG A 1 15 ? -0.531  -18.473 0.342   1.00 29.32 ? 13  ARG A CZ  1 
ATOM   117 N NH1 . ARG A 1 15 ? -1.047  -18.804 1.514   1.00 36.16 ? 13  ARG A NH1 1 
ATOM   118 N NH2 . ARG A 1 15 ? -1.322  -18.156 -0.674  1.00 35.43 ? 13  ARG A NH2 1 
ATOM   119 N N   . THR A 1 16 ? 3.661   -16.777 6.326   1.00 16.47 ? 14  THR A N   1 
ATOM   120 C CA  . THR A 1 16 ? 4.472   -16.980 7.500   1.00 17.23 ? 14  THR A CA  1 
ATOM   121 C C   . THR A 1 16 ? 3.963   -16.120 8.653   1.00 14.35 ? 14  THR A C   1 
ATOM   122 O O   . THR A 1 16 ? 2.865   -15.561 8.576   1.00 22.63 ? 14  THR A O   1 
ATOM   123 C CB  . THR A 1 16 ? 5.936   -16.684 7.183   1.00 19.32 ? 14  THR A CB  1 
ATOM   124 O OG1 . THR A 1 16 ? 6.145   -15.259 7.159   1.00 17.58 ? 14  THR A OG1 1 
ATOM   125 C CG2 . THR A 1 16 ? 6.399   -17.261 5.857   1.00 20.01 ? 14  THR A CG2 1 
ATOM   126 N N   . GLU A 1 17 ? 4.729   -16.001 9.724   1.00 17.77 ? 15  GLU A N   1 
ATOM   127 C CA  . GLU A 1 17 ? 4.351   -15.209 10.836  1.00 19.55 ? 15  GLU A CA  1 
ATOM   128 C C   . GLU A 1 17 ? 4.848   -13.759 10.698  1.00 19.49 ? 15  GLU A C   1 
ATOM   129 O O   . GLU A 1 17 ? 4.587   -12.962 11.556  1.00 21.30 ? 15  GLU A O   1 
ATOM   130 C CB  . GLU A 1 17 ? 4.905   -15.791 12.143  1.00 21.93 ? 15  GLU A CB  1 
ATOM   131 C CG  . GLU A 1 17 ? 4.249   -17.141 12.507  1.00 28.94 ? 15  GLU A CG  1 
ATOM   132 N N   . ASP A 1 18 ? 5.607   -13.472 9.638   1.00 14.33 ? 16  ASP A N   1 
ATOM   133 C CA  . ASP A 1 18 ? 6.221   -12.164 9.437   1.00 15.61 ? 16  ASP A CA  1 
ATOM   134 C C   . ASP A 1 18 ? 5.375   -11.252 8.521   1.00 13.86 ? 16  ASP A C   1 
ATOM   135 O O   . ASP A 1 18 ? 5.508   -10.008 8.620   1.00 11.50 ? 16  ASP A O   1 
ATOM   136 C CB  . ASP A 1 18 ? 7.613   -12.358 8.851   1.00 14.74 ? 16  ASP A CB  1 
ATOM   137 C CG  . ASP A 1 18 ? 8.569   -13.031 9.828   1.00 15.75 ? 16  ASP A CG  1 
ATOM   138 O OD1 . ASP A 1 18 ? 8.574   -12.661 10.996  1.00 18.57 ? 16  ASP A OD1 1 
ATOM   139 O OD2 . ASP A 1 18 ? 9.247   -13.959 9.378   1.00 20.49 ? 16  ASP A OD2 1 
ATOM   140 N N   . ASP A 1 19 ? 4.575   -11.848 7.657   1.00 10.96 ? 17  ASP A N   1 
ATOM   141 C CA  . ASP A 1 19 ? 3.826   -11.097 6.634   1.00 10.74 ? 17  ASP A CA  1 
ATOM   142 C C   . ASP A 1 19 ? 2.393   -10.915 7.121   1.00 11.40 ? 17  ASP A C   1 
ATOM   143 O O   . ASP A 1 19 ? 2.003   -11.415 8.146   1.00 14.46 ? 17  ASP A O   1 
ATOM   144 C CB  . ASP A 1 19 ? 3.990   -11.736 5.267   1.00 10.35 ? 17  ASP A CB  1 
ATOM   145 C CG  . ASP A 1 19 ? 3.740   -13.248 5.143   1.00 12.78 ? 17  ASP A CG  1 
ATOM   146 O OD1 . ASP A 1 19 ? 3.536   -13.859 6.222   1.00 16.49 ? 17  ASP A OD1 1 
ATOM   147 O OD2 . ASP A 1 19 ? 3.614   -13.747 3.981   1.00 12.86 ? 17  ASP A OD2 1 
ATOM   148 N N   . ILE A 1 20 ? 1.648   -10.100 6.372   1.00 9.55  ? 18  ILE A N   1 
ATOM   149 C CA  A ILE A 1 20 ? 0.253   -9.851  6.647   0.70 9.72  ? 18  ILE A CA  1 
ATOM   150 C CA  B ILE A 1 20 ? 0.240   -9.971  6.672   0.30 9.43  ? 18  ILE A CA  1 
ATOM   151 C C   . ILE A 1 20 ? -0.533  -10.004 5.369   1.00 9.69  ? 18  ILE A C   1 
ATOM   152 O O   . ILE A 1 20 ? -0.060  -9.628  4.317   1.00 10.92 ? 18  ILE A O   1 
ATOM   153 C CB  A ILE A 1 20 ? 0.060   -8.456  7.243   0.70 9.23  ? 18  ILE A CB  1 
ATOM   154 C CB  B ILE A 1 20 ? -0.130  -8.731  7.512   0.30 8.37  ? 18  ILE A CB  1 
ATOM   155 C CG1 A ILE A 1 20 ? -1.405  -8.135  7.532   0.70 8.99  ? 18  ILE A CG1 1 
ATOM   156 C CG1 B ILE A 1 20 ? 0.323   -7.427  6.851   0.30 7.72  ? 18  ILE A CG1 1 
ATOM   157 C CG2 A ILE A 1 20 ? 0.600   -7.371  6.331   0.70 9.32  ? 18  ILE A CG2 1 
ATOM   158 C CG2 B ILE A 1 20 ? 0.363   -8.845  8.953   0.30 8.47  ? 18  ILE A CG2 1 
ATOM   159 C CD1 A ILE A 1 20 ? -1.563  -6.937  8.420   0.70 10.41 ? 18  ILE A CD1 1 
ATOM   160 C CD1 B ILE A 1 20 ? -0.412  -6.228  7.388   0.30 7.42  ? 18  ILE A CD1 1 
ATOM   161 N N   . SER A 1 21 ? -1.793  -10.449 5.506   1.00 10.12 ? 19  SER A N   1 
ATOM   162 C CA  . SER A 1 21 ? -2.698  -10.532 4.376   1.00 10.34 ? 19  SER A CA  1 
ATOM   163 C C   . SER A 1 21 ? -3.319  -9.178  4.109   1.00 10.60 ? 19  SER A C   1 
ATOM   164 O O   . SER A 1 21 ? -3.754  -8.509  5.066   1.00 12.69 ? 19  SER A O   1 
ATOM   165 C CB  . SER A 1 21 ? -3.769  -11.537 4.596   1.00 13.03 ? 19  SER A CB  1 
ATOM   166 O OG  . SER A 1 21 ? -3.156  -12.817 4.694   1.00 13.65 ? 19  SER A OG  1 
ATOM   167 N N   . VAL A 1 22 ? -3.430  -8.803  2.847   1.00 10.06 ? 20  VAL A N   1 
ATOM   168 C CA  . VAL A 1 22 ? -4.168  -7.635  2.441   1.00 10.67 ? 20  VAL A CA  1 
ATOM   169 C C   . VAL A 1 22 ? -5.008  -8.043  1.218   1.00 11.54 ? 20  VAL A C   1 
ATOM   170 O O   . VAL A 1 22 ? -4.660  -8.938  0.417   1.00 11.44 ? 20  VAL A O   1 
ATOM   171 C CB  . VAL A 1 22 ? -3.279  -6.429  2.087   1.00 11.68 ? 20  VAL A CB  1 
ATOM   172 C CG1 . VAL A 1 22 ? -2.515  -5.932  3.322   1.00 15.09 ? 20  VAL A CG1 1 
ATOM   173 C CG2 . VAL A 1 22 ? -2.330  -6.686  0.910   1.00 13.35 ? 20  VAL A CG2 1 
ATOM   174 N N   . HIS A 1 23 ? -6.123  -7.325  1.021   1.00 12.17 ? 21  HIS A N   1 
ATOM   175 C CA  . HIS A 1 23 ? -7.011  -7.539  -0.076  1.00 12.71 ? 21  HIS A CA  1 
ATOM   176 C C   . HIS A 1 23 ? -6.901  -6.327  -0.964  1.00 10.13 ? 21  HIS A C   1 
ATOM   177 O O   . HIS A 1 23 ? -6.797  -5.175  -0.502  1.00 10.68 ? 21  HIS A O   1 
ATOM   178 C CB  . HIS A 1 23 ? -8.461  -7.779  0.379   1.00 13.21 ? 21  HIS A CB  1 
ATOM   179 C CG  . HIS A 1 23 ? -8.668  -9.089  1.076   1.00 18.07 ? 21  HIS A CG  1 
ATOM   180 N ND1 . HIS A 1 23 ? -8.741  -9.212  2.449   1.00 29.64 ? 21  HIS A ND1 1 
ATOM   181 C CD2 . HIS A 1 23 ? -8.751  -10.344 0.586   1.00 26.01 ? 21  HIS A CD2 1 
ATOM   182 C CE1 . HIS A 1 23 ? -8.913  -10.488 2.772   1.00 29.56 ? 21  HIS A CE1 1 
ATOM   183 N NE2 . HIS A 1 23 ? -8.923  -11.191 1.649   1.00 26.42 ? 21  HIS A NE2 1 
ATOM   184 N N   . LYS A 1 24 ? -6.993  -6.489  -2.284  1.00 9.39  ? 22  LYS A N   1 
ATOM   185 C CA  . LYS A 1 24 ? -6.964  -5.502  -3.182  1.00 8.78  ? 22  LYS A CA  1 
ATOM   186 C C   . LYS A 1 24 ? -7.932  -4.359  -2.823  1.00 10.34 ? 22  LYS A C   1 
ATOM   187 O O   . LYS A 1 24 ? -9.119  -4.628  -2.469  1.00 10.74 ? 22  LYS A O   1 
ATOM   188 C CB  . LYS A 1 24 ? -7.430  -6.175  -4.481  1.00 13.42 ? 22  LYS A CB  1 
ATOM   189 C CG  . LYS A 1 24 ? -7.458  -5.267  -5.615  1.00 13.33 ? 22  LYS A CG  1 
ATOM   190 C CD  A LYS A 1 24 ? -7.893  -6.126  -6.774  0.70 14.50 ? 22  LYS A CD  1 
ATOM   191 C CE  A LYS A 1 24 ? -7.876  -5.311  -8.026  0.70 16.39 ? 22  LYS A CE  1 
ATOM   192 N NZ  A LYS A 1 24 ? -8.835  -4.187  -7.965  0.70 13.62 ? 22  LYS A NZ  1 
ATOM   193 N N   . GLY A 1 25 ? -7.442  -3.121  -2.845  1.00 8.70  ? 23  GLY A N   1 
ATOM   194 C CA  . GLY A 1 25 ? -8.179  -1.924  -2.518  1.00 7.67  ? 23  GLY A CA  1 
ATOM   195 C C   . GLY A 1 25 ? -8.059  -1.432  -1.085  1.00 7.14  ? 23  GLY A C   1 
ATOM   196 O O   . GLY A 1 25 ? -8.421  -0.298  -0.801  1.00 7.52  ? 23  GLY A O   1 
ATOM   197 N N   . GLU A 1 26 ? -7.634  -2.295  -0.175  1.00 6.64  ? 24  GLU A N   1 
ATOM   198 C CA  . GLU A 1 26 ? -7.462  -1.890  1.218   1.00 7.01  ? 24  GLU A CA  1 
ATOM   199 C C   . GLU A 1 26 ? -6.334  -0.862  1.310   1.00 7.79  ? 24  GLU A C   1 
ATOM   200 O O   . GLU A 1 26 ? -5.276  -1.022  0.674   1.00 8.44  ? 24  GLU A O   1 
ATOM   201 C CB  . GLU A 1 26 ? -7.215  -3.079  2.110   1.00 7.85  ? 24  GLU A CB  1 
ATOM   202 C CG  . GLU A 1 26 ? -8.378  -4.021  2.172   1.00 9.03  ? 24  GLU A CG  1 
ATOM   203 C CD  . GLU A 1 26 ? -8.196  -5.175  3.130   1.00 10.60 ? 24  GLU A CD  1 
ATOM   204 O OE1 . GLU A 1 26 ? -6.982  -5.643  3.277   1.00 11.77 ? 24  GLU A OE1 1 
ATOM   205 O OE2 . GLU A 1 26 ? -9.195  -5.583  3.750   1.00 14.62 ? 24  GLU A OE2 1 
ATOM   206 N N   . LYS A 1 27 ? -6.530  0.118   2.186   1.00 5.62  ? 25  LYS A N   1 
ATOM   207 C CA  . LYS A 1 27 ? -5.483  1.074   2.444   1.00 6.34  ? 25  LYS A CA  1 
ATOM   208 C C   . LYS A 1 27 ? -4.563  0.632   3.576   1.00 5.19  ? 25  LYS A C   1 
ATOM   209 O O   . LYS A 1 27 ? -4.954  -0.138  4.479   1.00 6.13  ? 25  LYS A O   1 
ATOM   210 C CB  . LYS A 1 27 ? -6.088  2.432   2.806   1.00 6.80  ? 25  LYS A CB  1 
ATOM   211 C CG  . LYS A 1 27 ? -7.091  2.987   1.783   1.00 10.81 ? 25  LYS A CG  1 
ATOM   212 C CD  A LYS A 1 27 ? -6.642  3.001   0.362   0.70 11.76 ? 25  LYS A CD  1 
ATOM   213 C CD  B LYS A 1 27 ? -6.556  3.082   0.392   0.30 9.83  ? 25  LYS A CD  1 
ATOM   214 C CE  A LYS A 1 27 ? -7.408  3.896   -0.587  0.70 9.16  ? 25  LYS A CE  1 
ATOM   215 C CE  B LYS A 1 27 ? -7.600  3.530   -0.603  0.30 8.59  ? 25  LYS A CE  1 
ATOM   216 N NZ  A LYS A 1 27 ? -8.798  3.490   -0.918  0.70 12.91 ? 25  LYS A NZ  1 
ATOM   217 N NZ  B LYS A 1 27 ? -7.969  4.965   -0.464  0.30 9.19  ? 25  LYS A NZ  1 
ATOM   218 N N   . VAL A 1 28 ? -3.309  1.061   3.490   1.00 5.83  ? 26  VAL A N   1 
ATOM   219 C CA  . VAL A 1 28 ? -2.285  0.731   4.456   1.00 6.14  ? 26  VAL A CA  1 
ATOM   220 C C   . VAL A 1 28 ? -1.461  1.976   4.779   1.00 5.81  ? 26  VAL A C   1 
ATOM   221 O O   . VAL A 1 28 ? -1.344  2.853   3.942   1.00 5.81  ? 26  VAL A O   1 
ATOM   222 C CB  . VAL A 1 28 ? -1.367  -0.418  4.012   1.00 5.76  ? 26  VAL A CB  1 
ATOM   223 C CG1 . VAL A 1 28 ? -2.124  -1.731  3.718   1.00 6.84  ? 26  VAL A CG1 1 
ATOM   224 C CG2 . VAL A 1 28 ? -0.457  -0.073  2.840   1.00 6.99  ? 26  VAL A CG2 1 
ATOM   225 N N   . GLN A 1 29 ? -0.894  2.018   5.987   1.00 5.36  ? 27  GLN A N   1 
ATOM   226 C CA  . GLN A 1 29 ? 0.140   2.985   6.325   1.00 5.94  ? 27  GLN A CA  1 
ATOM   227 C C   . GLN A 1 29 ? 1.490   2.288   6.241   1.00 5.60  ? 27  GLN A C   1 
ATOM   228 O O   . GLN A 1 29 ? 1.665   1.171   6.717   1.00 5.54  ? 27  GLN A O   1 
ATOM   229 C CB  . GLN A 1 29 ? -0.050  3.480   7.757   1.00 6.61  ? 27  GLN A CB  1 
ATOM   230 C CG  . GLN A 1 29 ? 1.028   4.443   8.212   1.00 7.11  ? 27  GLN A CG  1 
ATOM   231 C CD  . GLN A 1 29 ? 1.159   4.641   9.702   1.00 8.89  ? 27  GLN A CD  1 
ATOM   232 O OE1 . GLN A 1 29 ? 0.398   4.091   10.507  1.00 9.27  ? 27  GLN A OE1 1 
ATOM   233 N NE2 . GLN A 1 29 ? 2.168   5.453   10.084  1.00 10.18 ? 27  GLN A NE2 1 
ATOM   234 N N   . ILE A 1 30 ? 2.467   2.945   5.633   1.00 5.61  ? 28  ILE A N   1 
ATOM   235 C CA  . ILE A 1 30 ? 3.833   2.397   5.563   1.00 6.10  ? 28  ILE A CA  1 
ATOM   236 C C   . ILE A 1 30 ? 4.563   2.662   6.859   1.00 6.58  ? 28  ILE A C   1 
ATOM   237 O O   . ILE A 1 30 ? 4.621   3.804   7.337   1.00 7.21  ? 28  ILE A O   1 
ATOM   238 C CB  . ILE A 1 30 ? 4.594   2.995   4.370   1.00 6.64  ? 28  ILE A CB  1 
ATOM   239 C CG1 . ILE A 1 30 ? 3.801   2.907   3.059   1.00 7.42  ? 28  ILE A CG1 1 
ATOM   240 C CG2 . ILE A 1 30 ? 5.958   2.359   4.237   1.00 7.59  ? 28  ILE A CG2 1 
ATOM   241 C CD1 . ILE A 1 30 ? 3.253   1.561   2.673   1.00 7.83  ? 28  ILE A CD1 1 
ATOM   242 N N   . LEU A 1 31 ? 5.163   1.619   7.409   1.00 5.58  ? 29  LEU A N   1 
ATOM   243 C CA  . LEU A 1 31 ? 5.913   1.699   8.678   1.00 5.98  ? 29  LEU A CA  1 
ATOM   244 C C   . LEU A 1 31 ? 7.426   1.633   8.477   1.00 5.20  ? 29  LEU A C   1 
ATOM   245 O O   . LEU A 1 31 ? 8.196   2.141   9.286   1.00 5.93  ? 29  LEU A O   1 
ATOM   246 C CB  . LEU A 1 31 ? 5.445   0.651   9.667   1.00 6.42  ? 29  LEU A CB  1 
ATOM   247 C CG  . LEU A 1 31 ? 3.932   0.475   9.854   1.00 6.64  ? 29  LEU A CG  1 
ATOM   248 C CD1 . LEU A 1 31 ? 3.666   -0.719  10.789  1.00 6.96  ? 29  LEU A CD1 1 
ATOM   249 C CD2 . LEU A 1 31 ? 3.272   1.758   10.301  1.00 8.67  ? 29  LEU A CD2 1 
ATOM   250 N N   . ASN A 1 32 ? 7.803   0.843   7.485   1.00 5.01  ? 30  ASN A N   1 
ATOM   251 C CA  . ASN A 1 32 ? 9.251   0.559   7.250   1.00 5.56  ? 30  ASN A CA  1 
ATOM   252 C C   . ASN A 1 32 ? 9.418   0.195   5.766   1.00 5.04  ? 30  ASN A C   1 
ATOM   253 O O   . ASN A 1 32 ? 9.123   -0.936  5.392   1.00 6.40  ? 30  ASN A O   1 
ATOM   254 C CB  . ASN A 1 32 ? 9.797   -0.531  8.158   1.00 6.39  ? 30  ASN A CB  1 
ATOM   255 C CG  . ASN A 1 32 ? 11.303  -0.722  8.050   1.00 6.84  ? 30  ASN A CG  1 
ATOM   256 O OD1 . ASN A 1 32 ? 11.893  -0.187  7.080   1.00 7.21  ? 30  ASN A OD1 1 
ATOM   257 N ND2 . ASN A 1 32 ? 11.896  -1.371  9.049   1.00 6.44  ? 30  ASN A ND2 1 
ATOM   258 N N   . SER A 1 33 ? 9.931   1.159   5.002   1.00 5.50  ? 31  SER A N   1 
ATOM   259 C CA  . SER A 1 33 ? 10.193  0.957   3.562   1.00 6.23  ? 31  SER A CA  1 
ATOM   260 C C   . SER A 1 33 ? 11.706  1.014   3.280   1.00 6.74  ? 31  SER A C   1 
ATOM   261 O O   . SER A 1 33 ? 12.144  1.354   2.190   1.00 7.58  ? 31  SER A O   1 
ATOM   262 C CB  . SER A 1 33 ? 9.417   1.956   2.738   1.00 6.29  ? 31  SER A CB  1 
ATOM   263 O OG  . SER A 1 33 ? 9.614   3.280   3.216   1.00 7.23  ? 31  SER A OG  1 
ATOM   264 N N   . SER A 1 34 ? 12.526  0.677   4.279   1.00 5.81  ? 32  SER A N   1 
ATOM   265 C CA  . SER A 1 34 ? 13.981  0.726   4.174   1.00 6.49  ? 32  SER A CA  1 
ATOM   266 C C   . SER A 1 34 ? 14.584  -0.473  3.457   1.00 6.79  ? 32  SER A C   1 
ATOM   267 O O   . SER A 1 34 ? 15.801  -0.479  3.219   1.00 7.53  ? 32  SER A O   1 
ATOM   268 C CB  . SER A 1 34 ? 14.590  0.900   5.577   1.00 8.13  ? 32  SER A CB  1 
ATOM   269 O OG  . SER A 1 34 ? 14.496  -0.269  6.341   1.00 8.83  ? 32  SER A OG  1 
ATOM   270 N N   . GLU A 1 35 ? 13.774  -1.445  3.084   1.00 7.47  ? 33  GLU A N   1 
ATOM   271 C CA  . GLU A 1 35 ? 14.174  -2.509  2.114   1.00 6.89  ? 33  GLU A CA  1 
ATOM   272 C C   . GLU A 1 35 ? 13.403  -2.302  0.848   1.00 7.24  ? 33  GLU A C   1 
ATOM   273 O O   . GLU A 1 35 ? 12.221  -1.894  0.861   1.00 7.34  ? 33  GLU A O   1 
ATOM   274 C CB  . GLU A 1 35 ? 13.979  -3.914  2.668   1.00 8.41  ? 33  GLU A CB  1 
ATOM   275 C CG  . GLU A 1 35 ? 14.778  -4.130  3.942   1.00 9.06  ? 33  GLU A CG  1 
ATOM   276 C CD  . GLU A 1 35 ? 16.274  -4.177  3.772   1.00 10.41 ? 33  GLU A CD  1 
ATOM   277 O OE1 . GLU A 1 35 ? 16.980  -4.046  4.801   1.00 13.24 ? 33  GLU A OE1 1 
ATOM   278 O OE2 . GLU A 1 35 ? 16.755  -4.430  2.673   1.00 11.80 ? 33  GLU A OE2 1 
ATOM   279 N N   . GLY A 1 36 ? 14.009  -2.609  -0.304  1.00 6.74  ? 34  GLY A N   1 
ATOM   280 C CA  . GLY A 1 36 ? 13.322  -2.363  -1.562  1.00 6.29  ? 34  GLY A CA  1 
ATOM   281 C C   . GLY A 1 36 ? 12.183  -3.307  -1.823  1.00 7.76  ? 34  GLY A C   1 
ATOM   282 O O   . GLY A 1 36 ? 11.206  -2.897  -2.449  1.00 9.20  ? 34  GLY A O   1 
ATOM   283 N N   . ASP A 1 37 ? 12.295  -4.558  -1.381  1.00 6.91  ? 35  ASP A N   1 
ATOM   284 C CA  . ASP A 1 37 ? 11.415  -5.640  -1.802  1.00 7.53  ? 35  ASP A CA  1 
ATOM   285 C C   . ASP A 1 37 ? 10.226  -5.915  -0.868  1.00 7.21  ? 35  ASP A C   1 
ATOM   286 O O   . ASP A 1 37 ? 9.151   -6.288  -1.347  1.00 7.59  ? 35  ASP A O   1 
ATOM   287 C CB  . ASP A 1 37 ? 12.201  -6.918  -2.059  1.00 8.34  ? 35  ASP A CB  1 
ATOM   288 C CG  . ASP A 1 37 ? 13.087  -7.372  -0.920  1.00 7.28  ? 35  ASP A CG  1 
ATOM   289 O OD1 . ASP A 1 37 ? 13.285  -6.637  0.081   1.00 7.95  ? 35  ASP A OD1 1 
ATOM   290 O OD2 . ASP A 1 37 ? 13.580  -8.497  -1.023  1.00 9.92  ? 35  ASP A OD2 1 
ATOM   291 N N   . TRP A 1 38 ? 10.448  -5.747  0.431   1.00 6.45  ? 36  TRP A N   1 
ATOM   292 C CA  . TRP A 1 38 ? 9.508   -6.084  1.440   1.00 7.16  ? 36  TRP A CA  1 
ATOM   293 C C   . TRP A 1 38 ? 9.325   -4.890  2.372   1.00 5.64  ? 36  TRP A C   1 
ATOM   294 O O   . TRP A 1 38 ? 10.329  -4.405  2.877   1.00 6.66  ? 36  TRP A O   1 
ATOM   295 C CB  . TRP A 1 38 ? 9.972   -7.318  2.278   1.00 7.35  ? 36  TRP A CB  1 
ATOM   296 C CG  . TRP A 1 38 ? 9.865   -8.591  1.530   1.00 7.53  ? 36  TRP A CG  1 
ATOM   297 C CD1 . TRP A 1 38 ? 10.822  -9.272  0.831   1.00 9.22  ? 36  TRP A CD1 1 
ATOM   298 C CD2 . TRP A 1 38 ? 8.671   -9.370  1.430   1.00 6.98  ? 36  TRP A CD2 1 
ATOM   299 N NE1 . TRP A 1 38 ? 10.296  -10.429 0.302   1.00 9.47  ? 36  TRP A NE1 1 
ATOM   300 C CE2 . TRP A 1 38 ? 8.980   -10.486 0.615   1.00 8.43  ? 36  TRP A CE2 1 
ATOM   301 C CE3 . TRP A 1 38 ? 7.353   -9.191  1.859   1.00 8.90  ? 36  TRP A CE3 1 
ATOM   302 C CZ2 . TRP A 1 38 ? 8.015   -11.437 0.271   1.00 8.77  ? 36  TRP A CZ2 1 
ATOM   303 C CZ3 . TRP A 1 38 ? 6.417   -10.170 1.576   1.00 9.98  ? 36  TRP A CZ3 1 
ATOM   304 C CH2 . TRP A 1 38 ? 6.760   -11.274 0.793   1.00 9.75  ? 36  TRP A CH2 1 
ATOM   305 N N   . TRP A 1 39 ? 8.065   -4.489  2.581   1.00 5.89  ? 37  TRP A N   1 
ATOM   306 C CA  . TRP A 1 39 ? 7.731   -3.302  3.401   1.00 5.55  ? 37  TRP A CA  1 
ATOM   307 C C   . TRP A 1 39 ? 6.881   -3.683  4.583   1.00 5.29  ? 37  TRP A C   1 
ATOM   308 O O   . TRP A 1 39 ? 5.948   -4.462  4.414   1.00 6.45  ? 37  TRP A O   1 
ATOM   309 C CB  . TRP A 1 39 ? 6.950   -2.307  2.561   1.00 6.33  ? 37  TRP A CB  1 
ATOM   310 C CG  . TRP A 1 39 ? 7.795   -1.526  1.614   1.00 5.78  ? 37  TRP A CG  1 
ATOM   311 C CD1 . TRP A 1 39 ? 9.112   -1.653  1.316   1.00 5.97  ? 37  TRP A CD1 1 
ATOM   312 C CD2 . TRP A 1 39 ? 7.336   -0.379  0.871   1.00 6.30  ? 37  TRP A CD2 1 
ATOM   313 N NE1 . TRP A 1 39 ? 9.493   -0.687  0.443   1.00 5.91  ? 37  TRP A NE1 1 
ATOM   314 C CE2 . TRP A 1 39 ? 8.439   0.112   0.151   1.00 6.65  ? 37  TRP A CE2 1 
ATOM   315 C CE3 . TRP A 1 39 ? 6.099   0.242   0.738   1.00 6.73  ? 37  TRP A CE3 1 
ATOM   316 C CZ2 . TRP A 1 39 ? 8.341   1.263   -0.640  1.00 7.32  ? 37  TRP A CZ2 1 
ATOM   317 C CZ3 . TRP A 1 39 ? 6.023   1.413   0.015   1.00 8.06  ? 37  TRP A CZ3 1 
ATOM   318 C CH2 . TRP A 1 39 ? 7.129   1.919   -0.674  1.00 9.04  ? 37  TRP A CH2 1 
ATOM   319 N N   . GLU A 1 40 ? 7.152   -3.111  5.742   1.00 5.21  ? 38  GLU A N   1 
ATOM   320 C CA  . GLU A 1 40 ? 6.254   -3.306  6.909   1.00 5.83  ? 38  GLU A CA  1 
ATOM   321 C C   . GLU A 1 40 ? 5.157   -2.255  6.801   1.00 5.30  ? 38  GLU A C   1 
ATOM   322 O O   . GLU A 1 40 ? 5.432   -1.057  6.653   1.00 5.16  ? 38  GLU A O   1 
ATOM   323 C CB  . GLU A 1 40 ? 6.978   -3.182  8.224   1.00 6.10  ? 38  GLU A CB  1 
ATOM   324 C CG  . GLU A 1 40 ? 6.184   -3.725  9.373   1.00 6.54  ? 38  GLU A CG  1 
ATOM   325 C CD  . GLU A 1 40 ? 6.682   -3.306  10.732  1.00 11.14 ? 38  GLU A CD  1 
ATOM   326 O OE1 . GLU A 1 40 ? 7.441   -2.376  10.837  1.00 10.17 ? 38  GLU A OE1 1 
ATOM   327 O OE2 . GLU A 1 40 ? 6.320   -4.030  11.691  1.00 16.02 ? 38  GLU A OE2 1 
ATOM   328 N N   . VAL A 1 41 ? 3.921   -2.692  6.935   1.00 5.43  ? 39  VAL A N   1 
ATOM   329 C CA  . VAL A 1 41 ? 2.751   -1.855  6.851   1.00 5.53  ? 39  VAL A CA  1 
ATOM   330 C C   . VAL A 1 41 ? 1.767   -2.154  7.991   1.00 5.88  ? 39  VAL A C   1 
ATOM   331 O O   . VAL A 1 41 ? 1.805   -3.178  8.639   1.00 6.16  ? 39  VAL A O   1 
ATOM   332 C CB  . VAL A 1 41 ? 2.014   -2.040  5.507   1.00 6.61  ? 39  VAL A CB  1 
ATOM   333 C CG1 . VAL A 1 41 ? 2.959   -1.825  4.341   1.00 6.91  ? 39  VAL A CG1 1 
ATOM   334 C CG2 . VAL A 1 41 ? 1.300   -3.387  5.411   1.00 6.85  ? 39  VAL A CG2 1 
ATOM   335 N N   . ARG A 1 42 ? 0.886   -1.198  8.228   1.00 5.53  ? 40  ARG A N   1 
ATOM   336 C CA  A ARG A 1 42 ? -0.282  -1.307  9.073   0.70 5.74  ? 40  ARG A CA  1 
ATOM   337 C CA  B ARG A 1 42 ? -0.274  -1.313  9.067   0.30 5.76  ? 40  ARG A CA  1 
ATOM   338 C C   . ARG A 1 42 ? -1.505  -1.373  8.161   1.00 5.60  ? 40  ARG A C   1 
ATOM   339 O O   . ARG A 1 42 ? -1.723  -0.440  7.355   1.00 6.36  ? 40  ARG A O   1 
ATOM   340 C CB  A ARG A 1 42 ? -0.412  -0.120  10.045  0.70 6.20  ? 40  ARG A CB  1 
ATOM   341 C CB  B ARG A 1 42 ? -0.341  -0.115  10.021  0.30 6.00  ? 40  ARG A CB  1 
ATOM   342 C CG  A ARG A 1 42 ? -1.661  -0.197  10.905  0.70 6.41  ? 40  ARG A CG  1 
ATOM   343 C CG  B ARG A 1 42 ? -1.733  0.214   10.529  0.30 6.18  ? 40  ARG A CG  1 
ATOM   344 C CD  A ARG A 1 42 ? -1.843  0.957   11.906  0.70 8.05  ? 40  ARG A CD  1 
ATOM   345 C CD  B ARG A 1 42 ? -1.641  1.439   11.416  0.30 6.37  ? 40  ARG A CD  1 
ATOM   346 N NE  A ARG A 1 42 ? -1.895  2.278   11.296  0.70 7.53  ? 40  ARG A NE  1 
ATOM   347 N NE  B ARG A 1 42 ? -2.912  1.964   11.882  0.30 7.25  ? 40  ARG A NE  1 
ATOM   348 C CZ  A ARG A 1 42 ? -2.836  3.237   11.449  0.70 8.73  ? 40  ARG A CZ  1 
ATOM   349 C CZ  B ARG A 1 42 ? -3.263  3.243   11.740  0.30 7.21  ? 40  ARG A CZ  1 
ATOM   350 N NH1 A ARG A 1 42 ? -4.050  2.968   11.918  0.70 9.25  ? 40  ARG A NH1 1 
ATOM   351 N NH1 B ARG A 1 42 ? -2.463  4.078   11.093  0.30 7.96  ? 40  ARG A NH1 1 
ATOM   352 N NH2 A ARG A 1 42 ? -2.521  4.481   11.101  0.70 10.10 ? 40  ARG A NH2 1 
ATOM   353 N NH2 B ARG A 1 42 ? -4.402  3.688   12.242  0.30 7.11  ? 40  ARG A NH2 1 
ATOM   354 N N   . SER A 1 43 ? -2.320  -2.448  8.358   1.00 5.69  ? 41  SER A N   1 
ATOM   355 C CA  . SER A 1 43 ? -3.591  -2.534  7.664   1.00 6.06  ? 41  SER A CA  1 
ATOM   356 C C   . SER A 1 43 ? -4.579  -1.542  8.263   1.00 6.16  ? 41  SER A C   1 
ATOM   357 O O   . SER A 1 43 ? -4.869  -1.571  9.437   1.00 7.39  ? 41  SER A O   1 
ATOM   358 C CB  . SER A 1 43 ? -4.123  -3.906  7.747   1.00 6.93  ? 41  SER A CB  1 
ATOM   359 O OG  . SER A 1 43 ? -5.525  -3.889  7.338   1.00 8.18  ? 41  SER A OG  1 
ATOM   360 N N   . LEU A 1 44 ? -5.169  -0.717  7.414   1.00 5.91  ? 42  LEU A N   1 
ATOM   361 C CA  . LEU A 1 44 ? -6.194  0.230   7.830   1.00 6.54  ? 42  LEU A CA  1 
ATOM   362 C C   . LEU A 1 44 ? -7.581  -0.412  7.793   1.00 7.17  ? 42  LEU A C   1 
ATOM   363 O O   . LEU A 1 44 ? -8.530  0.323   8.069   1.00 9.23  ? 42  LEU A O   1 
ATOM   364 C CB  . LEU A 1 44 ? -6.125  1.533   7.052   1.00 7.12  ? 42  LEU A CB  1 
ATOM   365 C CG  . LEU A 1 44 ? -4.767  2.217   7.139   1.00 7.70  ? 42  LEU A CG  1 
ATOM   366 C CD1 . LEU A 1 44 ? -4.803  3.548   6.411   1.00 9.51  ? 42  LEU A CD1 1 
ATOM   367 C CD2 . LEU A 1 44 ? -4.292  2.401   8.556   1.00 8.02  ? 42  LEU A CD2 1 
ATOM   368 N N   . THR A 1 45 ? -7.671  -1.721  7.636   1.00 7.11  ? 43  THR A N   1 
ATOM   369 C CA  . THR A 1 45 ? -8.954  -2.417  7.835   1.00 7.47  ? 43  THR A CA  1 
ATOM   370 C C   . THR A 1 45 ? -8.916  -3.449  8.952   1.00 9.13  ? 43  THR A C   1 
ATOM   371 O O   . THR A 1 45 ? -9.992  -3.821  9.399   1.00 9.78  ? 43  THR A O   1 
ATOM   372 C CB  . THR A 1 45 ? -9.423  -3.087  6.554   1.00 8.77  ? 43  THR A CB  1 
ATOM   373 O OG1 . THR A 1 45 ? -8.445  -4.056  6.148   1.00 9.61  ? 43  THR A OG1 1 
ATOM   374 C CG2 . THR A 1 45 ? -9.666  -2.108  5.450   1.00 8.73  ? 43  THR A CG2 1 
ATOM   375 N N   . THR A 1 46 ? -7.730  -3.865  9.440   1.00 9.36  ? 44  THR A N   1 
ATOM   376 C CA  . THR A 1 46 ? -7.658  -4.845  10.517  1.00 11.84 ? 44  THR A CA  1 
ATOM   377 C C   . THR A 1 46 ? -6.882  -4.351  11.725  1.00 12.87 ? 44  THR A C   1 
ATOM   378 O O   . THR A 1 46 ? -7.055  -4.929  12.813  1.00 13.29 ? 44  THR A O   1 
ATOM   379 C CB  . THR A 1 46 ? -7.090  -6.163  10.028  1.00 12.00 ? 44  THR A CB  1 
ATOM   380 O OG1 . THR A 1 46 ? -5.688  -5.980  9.823   1.00 11.84 ? 44  THR A OG1 1 
ATOM   381 C CG2 . THR A 1 46 ? -7.712  -6.731  8.772   1.00 11.90 ? 44  THR A CG2 1 
ATOM   382 N N   . GLY A 1 47 ? -6.011  -3.360  11.580  1.00 9.12  ? 45  GLY A N   1 
ATOM   383 C CA  . GLY A 1 47 ? -5.167  -2.927  12.653  1.00 12.20 ? 45  GLY A CA  1 
ATOM   384 C C   . GLY A 1 47 ? -3.972  -3.822  12.893  1.00 12.78 ? 45  GLY A C   1 
ATOM   385 O O   . GLY A 1 47 ? -3.171  -3.487  13.780  1.00 13.63 ? 45  GLY A O   1 
ATOM   386 N N   . GLU A 1 48 ? -3.785  -4.831  12.079  1.00 9.21  ? 46  GLU A N   1 
ATOM   387 C CA  . GLU A 1 48 ? -2.628  -5.662  12.210  1.00 10.89 ? 46  GLU A CA  1 
ATOM   388 C C   . GLU A 1 48 ? -1.479  -5.048  11.411  1.00 8.91  ? 46  GLU A C   1 
ATOM   389 O O   . GLU A 1 48 ? -1.635  -4.192  10.543  1.00 8.98  ? 46  GLU A O   1 
ATOM   390 C CB  . GLU A 1 48 ? -2.981  -7.061  11.763  1.00 14.23 ? 46  GLU A CB  1 
ATOM   391 C CG  . GLU A 1 48 ? -4.078  -7.714  12.673  1.00 15.53 ? 46  GLU A CG  1 
ATOM   392 C CD  . GLU A 1 48 ? -3.869  -7.823  14.185  1.00 19.44 ? 46  GLU A CD  1 
ATOM   393 O OE1 . GLU A 1 48 ? -2.694  -7.831  14.652  1.00 19.61 ? 46  GLU A OE1 1 
ATOM   394 O OE2 . GLU A 1 48 ? -4.906  -8.004  14.917  1.00 21.48 ? 46  GLU A OE2 1 
ATOM   395 N N   . THR A 1 49 ? -0.273  -5.496  11.740  1.00 8.78  ? 47  THR A N   1 
ATOM   396 C CA  . THR A 1 49 ? 0.960   -5.016  11.075  1.00 9.71  ? 47  THR A CA  1 
ATOM   397 C C   . THR A 1 49 ? 1.790   -6.218  10.658  1.00 11.11 ? 47  THR A C   1 
ATOM   398 O O   . THR A 1 49 ? 1.736   -7.323  11.201  1.00 12.41 ? 47  THR A O   1 
ATOM   399 C CB  . THR A 1 49 ? 1.786   -4.107  11.979  1.00 11.75 ? 47  THR A CB  1 
ATOM   400 O OG1 . THR A 1 49 ? 2.304   -4.960  13.010  1.00 12.78 ? 47  THR A OG1 1 
ATOM   401 C CG2 . THR A 1 49 ? 1.013   -2.950  12.541  1.00 9.99  ? 47  THR A CG2 1 
ATOM   402 N N   . GLY A 1 50 ? 2.526   -6.007  9.563   1.00 8.14  ? 48  GLY A N   1 
ATOM   403 C CA  . GLY A 1 50 ? 3.451   -7.000  9.097   1.00 8.84  ? 48  GLY A CA  1 
ATOM   404 C C   . GLY A 1 50 ? 3.948   -6.611  7.724   1.00 6.96  ? 48  GLY A C   1 
ATOM   405 O O   . GLY A 1 50 ? 3.648   -5.523  7.210   1.00 6.82  ? 48  GLY A O   1 
ATOM   406 N N   . TYR A 1 51 ? 4.704   -7.506  7.112   1.00 6.60  ? 49  TYR A N   1 
ATOM   407 C CA  . TYR A 1 51 ? 5.326   -7.256  5.844   1.00 6.43  ? 49  TYR A CA  1 
ATOM   408 C C   . TYR A 1 51 ? 4.481   -7.705  4.658   1.00 7.14  ? 49  TYR A C   1 
ATOM   409 O O   . TYR A 1 51 ? 3.751   -8.689  4.714   1.00 7.83  ? 49  TYR A O   1 
ATOM   410 C CB  . TYR A 1 51 ? 6.684   -7.941  5.777   1.00 7.81  ? 49  TYR A CB  1 
ATOM   411 C CG  . TYR A 1 51 ? 7.756   -7.205  6.519   1.00 6.87  ? 49  TYR A CG  1 
ATOM   412 C CD1 . TYR A 1 51 ? 7.947   -7.328  7.894   1.00 8.66  ? 49  TYR A CD1 1 
ATOM   413 C CD2 . TYR A 1 51 ? 8.578   -6.304  5.870   1.00 7.28  ? 49  TYR A CD2 1 
ATOM   414 C CE1 . TYR A 1 51 ? 8.943   -6.628  8.560   1.00 10.28 ? 49  TYR A CE1 1 
ATOM   415 C CE2 . TYR A 1 51 ? 9.530   -5.581  6.520   1.00 7.78  ? 49  TYR A CE2 1 
ATOM   416 C CZ  . TYR A 1 51 ? 9.734   -5.754  7.857   1.00 8.57  ? 49  TYR A CZ  1 
ATOM   417 O OH  . TYR A 1 51 ? 10.751  -5.035  8.480   1.00 11.34 ? 49  TYR A OH  1 
ATOM   418 N N   . VAL A 1 52 ? 4.548   -6.897  3.611   1.00 6.16  ? 50  VAL A N   1 
ATOM   419 C CA  . VAL A 1 52 ? 3.987   -7.199  2.319   1.00 6.02  ? 50  VAL A CA  1 
ATOM   420 C C   . VAL A 1 52 ? 5.015   -6.899  1.253   1.00 5.70  ? 50  VAL A C   1 
ATOM   421 O O   . VAL A 1 52 ? 5.938   -6.107  1.473   1.00 6.76  ? 50  VAL A O   1 
ATOM   422 C CB  . VAL A 1 52 ? 2.693   -6.407  2.043   1.00 7.17  ? 50  VAL A CB  1 
ATOM   423 C CG1 . VAL A 1 52 ? 1.615   -6.683  3.081   1.00 8.27  ? 50  VAL A CG1 1 
ATOM   424 C CG2 . VAL A 1 52 ? 2.923   -4.916  1.966   1.00 7.80  ? 50  VAL A CG2 1 
ATOM   425 N N   . PRO A 1 53 ? 4.847   -7.443  0.023   1.00 6.45  ? 51  PRO A N   1 
ATOM   426 C CA  . PRO A 1 53 ? 5.773   -7.067  -1.042  1.00 6.21  ? 51  PRO A CA  1 
ATOM   427 C C   . PRO A 1 53 ? 5.561   -5.584  -1.338  1.00 6.60  ? 51  PRO A C   1 
ATOM   428 O O   . PRO A 1 53 ? 4.437   -5.131  -1.544  1.00 6.51  ? 51  PRO A O   1 
ATOM   429 C CB  . PRO A 1 53 ? 5.374   -7.953  -2.213  1.00 7.80  ? 51  PRO A CB  1 
ATOM   430 C CG  . PRO A 1 53 ? 4.582   -9.092  -1.589  1.00 7.86  ? 51  PRO A CG  1 
ATOM   431 C CD  . PRO A 1 53 ? 3.870   -8.454  -0.430  1.00 7.09  ? 51  PRO A CD  1 
ATOM   432 N N   . SER A 1 54 ? 6.679   -4.850  -1.502  1.00 5.77  ? 52  SER A N   1 
ATOM   433 C CA  . SER A 1 54 ? 6.543   -3.454  -1.864  1.00 6.53  ? 52  SER A CA  1 
ATOM   434 C C   . SER A 1 54 ? 5.792   -3.240  -3.175  1.00 7.47  ? 52  SER A C   1 
ATOM   435 O O   . SER A 1 54 ? 5.079   -2.260  -3.357  1.00 7.83  ? 52  SER A O   1 
ATOM   436 C CB  . SER A 1 54 ? 7.872   -2.740  -1.925  1.00 7.10  ? 52  SER A CB  1 
ATOM   437 O OG  . SER A 1 54 ? 8.658   -3.358  -2.967  1.00 7.11  ? 52  SER A OG  1 
ATOM   438 N N   . ASN A 1 55 ? 5.980   -4.169  -4.096  1.00 7.06  ? 53  ASN A N   1 
ATOM   439 C CA  . ASN A 1 55 ? 5.342   -4.003  -5.396  1.00 7.87  ? 53  ASN A CA  1 
ATOM   440 C C   . ASN A 1 55 ? 3.852   -4.278  -5.332  1.00 8.36  ? 53  ASN A C   1 
ATOM   441 O O   . ASN A 1 55 ? 3.187   -4.102  -6.359  1.00 9.38  ? 53  ASN A O   1 
ATOM   442 C CB  . ASN A 1 55 ? 5.992   -4.941  -6.422  1.00 8.93  ? 53  ASN A CB  1 
ATOM   443 C CG  . ASN A 1 55 ? 7.345   -4.465  -6.867  1.00 9.71  ? 53  ASN A CG  1 
ATOM   444 O OD1 . ASN A 1 55 ? 7.707   -3.320  -6.667  1.00 12.11 ? 53  ASN A OD1 1 
ATOM   445 N ND2 . ASN A 1 55 ? 8.014   -5.330  -7.578  1.00 12.04 ? 53  ASN A ND2 1 
ATOM   446 N N   . TYR A 1 56 ? 3.284   -4.723  -4.209  1.00 6.44  ? 54  TYR A N   1 
ATOM   447 C CA  . TYR A 1 56 ? 1.878   -4.947  -4.101  1.00 6.72  ? 54  TYR A CA  1 
ATOM   448 C C   . TYR A 1 56 ? 1.162   -3.738  -3.504  1.00 6.12  ? 54  TYR A C   1 
ATOM   449 O O   . TYR A 1 56 ? -0.077  -3.833  -3.321  1.00 7.20  ? 54  TYR A O   1 
ATOM   450 C CB  . TYR A 1 56 ? 1.566   -6.205  -3.276  1.00 6.60  ? 54  TYR A CB  1 
ATOM   451 C CG  . TYR A 1 56 ? 1.676   -7.550  -3.943  1.00 7.99  ? 54  TYR A CG  1 
ATOM   452 C CD1 . TYR A 1 56 ? 2.751   -7.852  -4.778  1.00 8.03  ? 54  TYR A CD1 1 
ATOM   453 C CD2 . TYR A 1 56 ? 0.678   -8.485  -3.798  1.00 8.06  ? 54  TYR A CD2 1 
ATOM   454 C CE1 . TYR A 1 56 ? 2.864   -9.088  -5.380  1.00 8.60  ? 54  TYR A CE1 1 
ATOM   455 C CE2 . TYR A 1 56 ? 0.773   -9.708  -4.404  1.00 10.24 ? 54  TYR A CE2 1 
ATOM   456 C CZ  . TYR A 1 56 ? 1.858   -9.999  -5.207  1.00 10.09 ? 54  TYR A CZ  1 
ATOM   457 O OH  . TYR A 1 56 ? 1.884   -11.248 -5.781  1.00 13.35 ? 54  TYR A OH  1 
ATOM   458 N N   . VAL A 1 57 ? 1.850   -2.640  -3.254  1.00 6.33  ? 55  VAL A N   1 
ATOM   459 C CA  . VAL A 1 57 ? 1.209   -1.415  -2.782  1.00 6.33  ? 55  VAL A CA  1 
ATOM   460 C C   . VAL A 1 57 ? 1.696   -0.230  -3.598  1.00 7.98  ? 55  VAL A C   1 
ATOM   461 O O   . VAL A 1 57 ? 2.780   -0.259  -4.178  1.00 8.44  ? 55  VAL A O   1 
ATOM   462 C CB  . VAL A 1 57 ? 1.448   -1.167  -1.260  1.00 6.89  ? 55  VAL A CB  1 
ATOM   463 C CG1 . VAL A 1 57 ? 0.820   -2.272  -0.416  1.00 8.13  ? 55  VAL A CG1 1 
ATOM   464 C CG2 . VAL A 1 57 ? 2.907   -0.997  -0.915  1.00 7.20  ? 55  VAL A CG2 1 
ATOM   465 N N   . ALA A 1 58 ? 0.872   0.807   -3.694  1.00 7.04  ? 56  ALA A N   1 
ATOM   466 C CA  . ALA A 1 58 ? 1.213   2.044   -4.406  1.00 7.60  ? 56  ALA A CA  1 
ATOM   467 C C   . ALA A 1 58 ? 0.583   3.188   -3.663  1.00 7.17  ? 56  ALA A C   1 
ATOM   468 O O   . ALA A 1 58 ? -0.410  3.015   -2.931  1.00 6.40  ? 56  ALA A O   1 
ATOM   469 C CB  . ALA A 1 58 ? 0.658   1.993   -5.823  1.00 8.09  ? 56  ALA A CB  1 
ATOM   470 N N   . PRO A 1 59 ? 1.112   4.409   -3.801  1.00 7.80  ? 57  PRO A N   1 
ATOM   471 C CA  . PRO A 1 59 ? 0.541   5.542   -3.122  1.00 8.13  ? 57  PRO A CA  1 
ATOM   472 C C   . PRO A 1 59 ? -0.867  5.773   -3.656  1.00 7.82  ? 57  PRO A C   1 
ATOM   473 O O   . PRO A 1 59 ? -1.163  5.586   -4.800  1.00 8.74  ? 57  PRO A O   1 
ATOM   474 C CB  . PRO A 1 59 ? 1.433   6.736   -3.483  1.00 9.55  ? 57  PRO A CB  1 
ATOM   475 C CG  . PRO A 1 59 ? 2.527   6.204   -4.235  1.00 12.11 ? 57  PRO A CG  1 
ATOM   476 C CD  . PRO A 1 59 ? 2.278   4.757   -4.615  1.00 9.40  ? 57  PRO A CD  1 
ATOM   477 N N   . VAL A 1 60 ? -1.741  6.255   -2.790  1.00 8.10  ? 58  VAL A N   1 
ATOM   478 C CA  . VAL A 1 60 ? -3.091  6.568   -3.205  1.00 10.17 ? 58  VAL A CA  1 
ATOM   479 C C   . VAL A 1 60 ? -3.139  7.774   -4.158  1.00 13.24 ? 58  VAL A C   1 
ATOM   480 O O   . VAL A 1 60 ? -3.929  7.739   -5.144  1.00 15.25 ? 58  VAL A O   1 
ATOM   481 C CB  . VAL A 1 60 ? -4.041  6.746   -2.003  1.00 10.60 ? 58  VAL A CB  1 
ATOM   482 C CG1 . VAL A 1 60 ? -5.363  7.315   -2.403  1.00 12.98 ? 58  VAL A CG1 1 
ATOM   483 C CG2 . VAL A 1 60 ? -4.269  5.439   -1.266  1.00 13.24 ? 58  VAL A CG2 1 
ATOM   484 N N   . ASP A 1 61 ? -2.332  8.762   -3.879  1.00 14.03 ? 59  ASP A N   1 
ATOM   485 C CA  . ASP A 1 61 ? -2.437  10.012  -4.645  1.00 17.44 ? 59  ASP A CA  1 
ATOM   486 C C   A ASP A 1 61 ? -1.005  10.418  -4.920  0.70 20.07 ? 59  ASP A C   1 
ATOM   487 C C   B ASP A 1 61 ? -1.081  10.646  -4.892  0.30 20.41 ? 59  ASP A C   1 
ATOM   488 O O   A ASP A 1 61 ? -0.149  9.561   -5.143  0.70 23.42 ? 59  ASP A O   1 
ATOM   489 O O   B ASP A 1 61 ? -0.937  11.848  -4.628  0.30 19.60 ? 59  ASP A O   1 
ATOM   490 C CB  . ASP A 1 61 ? -3.227  11.044  -3.836  1.00 22.17 ? 59  ASP A CB  1 
ATOM   491 N N   A GLY A 1 62 ? -0.713  11.722  -4.856  0.70 22.39 ? 60  GLY A N   1 
ATOM   492 N N   B GLY A 1 62 ? -0.132  9.866   -5.423  0.30 21.97 ? 60  GLY A N   1 
ATOM   493 C CA  A GLY A 1 62 ? 0.674   12.157  -5.089  0.70 20.74 ? 60  GLY A CA  1 
ATOM   494 C CA  B GLY A 1 62 ? 1.216   10.360  -5.679  0.30 20.97 ? 60  GLY A CA  1 
ATOM   495 C C   A GLY A 1 62 ? 0.924   12.384  -6.561  0.70 19.78 ? 60  GLY A C   1 
ATOM   496 C C   B GLY A 1 62 ? 1.309   11.109  -6.998  0.30 19.84 ? 60  GLY A C   1 
ATOM   497 O O   A GLY A 1 62 ? -0.049  12.629  -7.318  0.70 22.30 ? 60  GLY A O   1 
ATOM   498 O O   B GLY A 1 62 ? 0.542   10.841  -7.942  0.30 16.00 ? 60  GLY A O   1 
ATOM   499 N N   A SER A 1 63 ? 2.183   12.237  -6.999  0.70 18.59 ? 61  SER A N   1 
ATOM   500 N N   B SER A 1 63 ? 2.224   12.090  -7.053  0.30 20.39 ? 61  SER A N   1 
ATOM   501 C CA  . SER A 1 63 ? 2.587   12.755  -8.312  1.00 20.90 ? 61  SER A CA  1 
ATOM   502 C C   . SER A 1 63 ? 3.508   11.832  -9.135  1.00 22.09 ? 61  SER A C   1 
ATOM   503 O O   . SER A 1 63 ? 3.951   12.204  -10.187 1.00 24.20 ? 61  SER A O   1 
ATOM   504 C CB  . SER A 1 63 ? 3.154   14.154  -8.113  1.00 27.29 ? 61  SER A CB  1 
ATOM   505 O OG  . SER A 1 63 ? 4.402   14.067  -7.465  1.00 31.52 ? 61  SER A OG  1 
ATOM   506 N N   . ALA A 1 64 ? 3.735   10.580  -8.722  1.00 19.34 ? 62  ALA A N   1 
ATOM   507 C CA  . ALA A 1 64 ? 4.634   9.672   -9.430  1.00 18.94 ? 62  ALA A CA  1 
ATOM   508 C C   . ALA A 1 64 ? 3.912   8.737   -10.414 1.00 19.15 ? 62  ALA A C   1 
ATOM   509 O O   . ALA A 1 64 ? 4.538   8.030   -11.202 1.00 19.52 ? 62  ALA A O   1 
ATOM   510 C CB  . ALA A 1 64 ? 5.391   8.864   -8.400  1.00 23.54 ? 62  ALA A CB  1 
ATOM   511 N N   . ALA A 1 65 ? 2.586   8.720   -10.379 1.00 16.50 ? 63  ALA A N   1 
ATOM   512 C CA  . ALA A 1 65 ? 1.804   7.892   -11.302 1.00 15.47 ? 63  ALA A CA  1 
ATOM   513 C C   . ALA A 1 65 ? 1.972   8.419   -12.717 1.00 15.62 ? 63  ALA A C   1 
ATOM   514 O O   . ALA A 1 65 ? 2.329   9.602   -12.918 1.00 17.44 ? 63  ALA A O   1 
ATOM   515 C CB  . ALA A 1 65 ? 0.367   7.992   -10.857 1.00 15.15 ? 63  ALA A CB  1 
ATOM   516 N N   . MET A 1 66 ? 1.730   7.574   -13.719 1.00 15.68 ? 64  MET A N   1 
ATOM   517 C CA  . MET A 1 66 ? 1.862   7.973   -15.115 1.00 15.58 ? 64  MET A CA  1 
ATOM   518 C C   . MET A 1 66 ? 0.923   9.139   -15.435 1.00 17.01 ? 64  MET A C   1 
ATOM   519 O O   . MET A 1 66 ? -0.165  9.314   -14.823 1.00 14.36 ? 64  MET A O   1 
ATOM   520 C CB  . MET A 1 66 ? 1.558   6.777   -16.018 1.00 19.88 ? 64  MET A CB  1 
ATOM   521 C CG  . MET A 1 66 ? 2.559   5.599   -15.853 1.00 19.11 ? 64  MET A CG  1 
ATOM   522 S SD  . MET A 1 66 ? 4.320   6.063   -16.132 1.00 25.11 ? 64  MET A SD  1 
ATOM   523 C CE  . MET A 1 66 ? 4.196   6.662   -17.818 1.00 33.17 ? 64  MET A CE  1 
ATOM   524 N N   . GLY A 1 67 ? 1.344   9.966   -16.394 1.00 15.44 ? 65  GLY A N   1 
ATOM   525 C CA  . GLY A 1 67 ? 0.637   11.151  -16.766 1.00 14.31 ? 65  GLY A CA  1 
ATOM   526 C C   . GLY A 1 67 ? -0.866  10.907  -16.959 1.00 13.07 ? 65  GLY A C   1 
ATOM   527 O O   . GLY A 1 67 ? -1.677  11.663  -16.426 1.00 14.13 ? 65  GLY A O   1 
ATOM   528 N N   . PRO A 1 68 ? -1.330  9.887   -17.726 1.00 12.65 ? 66  PRO A N   1 
ATOM   529 C CA  . PRO A 1 68 ? -2.774  9.689   -17.901 1.00 12.78 ? 66  PRO A CA  1 
ATOM   530 C C   . PRO A 1 68 ? -3.567  9.486   -16.601 1.00 11.76 ? 66  PRO A C   1 
ATOM   531 O O   . PRO A 1 68 ? -4.691  9.980   -16.505 1.00 11.56 ? 66  PRO A O   1 
ATOM   532 C CB  . PRO A 1 68 ? -2.880  8.404   -18.740 1.00 13.24 ? 66  PRO A CB  1 
ATOM   533 C CG  . PRO A 1 68 ? -1.510  8.238   -19.372 1.00 17.28 ? 66  PRO A CG  1 
ATOM   534 C CD  . PRO A 1 68 ? -0.520  8.966   -18.533 1.00 13.39 ? 66  PRO A CD  1 
ATOM   535 N N   . VAL A 1 69 ? -2.931  8.820   -15.611 1.00 11.95 ? 67  VAL A N   1 
ATOM   536 C CA  . VAL A 1 69 ? -3.599  8.608   -14.316 1.00 10.27 ? 67  VAL A CA  1 
ATOM   537 C C   . VAL A 1 69 ? -3.729  9.938   -13.565 1.00 10.28 ? 67  VAL A C   1 
ATOM   538 O O   . VAL A 1 69 ? -4.755  10.203  -12.982 1.00 9.54  ? 67  VAL A O   1 
ATOM   539 C CB  . VAL A 1 69 ? -2.854  7.551   -13.492 1.00 9.43  ? 67  VAL A CB  1 
ATOM   540 C CG1 . VAL A 1 69 ? -3.391  7.422   -12.073 1.00 9.55  ? 67  VAL A CG1 1 
ATOM   541 C CG2 . VAL A 1 69 ? -2.870  6.210   -14.223 1.00 11.00 ? 67  VAL A CG2 1 
ATOM   542 N N   . LEU A 1 70 ? -2.653  10.727  -13.537 1.00 11.27 ? 68  LEU A N   1 
ATOM   543 C CA  . LEU A 1 70 ? -2.713  12.058  -12.913 1.00 12.93 ? 68  LEU A CA  1 
ATOM   544 C C   . LEU A 1 70 ? -3.803  12.871  -13.578 1.00 11.66 ? 68  LEU A C   1 
ATOM   545 O O   . LEU A 1 70 ? -4.588  13.528  -12.857 1.00 13.35 ? 68  LEU A O   1 
ATOM   546 C CB  . LEU A 1 70 ? -1.358  12.730  -13.081 1.00 13.58 ? 68  LEU A CB  1 
ATOM   547 C CG  . LEU A 1 70 ? -0.223  12.013  -12.371 1.00 13.95 ? 68  LEU A CG  1 
ATOM   548 C CD1 . LEU A 1 70 ? 1.075   12.826  -12.498 1.00 21.72 ? 68  LEU A CD1 1 
ATOM   549 C CD2 . LEU A 1 70 ? -0.560  11.774  -10.929 1.00 16.75 ? 68  LEU A CD2 1 
ATOM   550 N N   . ARG A 1 71 ? -3.899  12.841  -14.905 1.00 11.11 ? 69  ARG A N   1 
ATOM   551 C CA  . ARG A 1 71 ? -4.912  13.651  -15.592 1.00 11.44 ? 69  ARG A CA  1 
ATOM   552 C C   . ARG A 1 71 ? -6.325  13.155  -15.266 1.00 11.84 ? 69  ARG A C   1 
ATOM   553 O O   . ARG A 1 71 ? -7.261  13.930  -15.055 1.00 14.25 ? 69  ARG A O   1 
ATOM   554 C CB  . ARG A 1 71 ? -4.691  13.656  -17.100 1.00 13.57 ? 69  ARG A CB  1 
ATOM   555 C CG  . ARG A 1 71 ? -3.434  14.425  -17.513 1.00 17.90 ? 69  ARG A CG  1 
ATOM   556 C CD  . ARG A 1 71 ? -3.214  14.602  -18.996 1.00 16.75 ? 69  ARG A CD  1 
ATOM   557 N NE  . ARG A 1 71 ? -2.934  13.316  -19.641 1.00 17.32 ? 69  ARG A NE  1 
ATOM   558 C CZ  . ARG A 1 71 ? -1.748  12.813  -19.906 1.00 18.15 ? 69  ARG A CZ  1 
ATOM   559 N NH1 . ARG A 1 71 ? -0.627  13.425  -19.539 1.00 20.86 ? 69  ARG A NH1 1 
ATOM   560 N NH2 . ARG A 1 71 ? -1.664  11.713  -20.627 1.00 18.14 ? 69  ARG A NH2 1 
ATOM   561 N N   . LEU A 1 72 ? -6.527  11.818  -15.190 1.00 10.45 ? 70  LEU A N   1 
ATOM   562 C CA  . LEU A 1 72 ? -7.829  11.312  -14.877 1.00 11.37 ? 70  LEU A CA  1 
ATOM   563 C C   . LEU A 1 72 ? -8.225  11.621  -13.440 1.00 10.49 ? 70  LEU A C   1 
ATOM   564 O O   . LEU A 1 72 ? -9.406  11.957  -13.179 1.00 12.48 ? 70  LEU A O   1 
ATOM   565 C CB  . LEU A 1 72 ? -7.903  9.801   -15.153 1.00 10.40 ? 70  LEU A CB  1 
ATOM   566 C CG  . LEU A 1 72 ? -7.994  9.471   -16.649 1.00 11.34 ? 70  LEU A CG  1 
ATOM   567 C CD1 . LEU A 1 72 ? -7.545  8.044   -16.939 1.00 11.72 ? 70  LEU A CD1 1 
ATOM   568 C CD2 . LEU A 1 72 ? -9.400  9.718   -17.148 1.00 11.62 ? 70  LEU A CD2 1 
ATOM   569 N N   . ARG A 1 73 ? -7.282  11.542  -12.509 1.00 10.53 ? 71  ARG A N   1 
ATOM   570 C CA  . ARG A 1 73 ? -7.586  11.881  -11.151 1.00 11.55 ? 71  ARG A CA  1 
ATOM   571 C C   . ARG A 1 73 ? -8.019  13.356  -11.032 1.00 13.20 ? 71  ARG A C   1 
ATOM   572 O O   . ARG A 1 73 ? -8.991  13.641  -10.322 1.00 15.13 ? 71  ARG A O   1 
ATOM   573 C CB  . ARG A 1 73 ? -6.388  11.590  -10.246 1.00 9.59  ? 71  ARG A CB  1 
ATOM   574 C CG  . ARG A 1 73 ? -6.133  10.105  -10.013 1.00 9.75  ? 71  ARG A CG  1 
ATOM   575 C CD  . ARG A 1 73 ? -4.825  9.960   -9.247  1.00 10.70 ? 71  ARG A CD  1 
ATOM   576 N NE  . ARG A 1 73 ? -4.569  8.569   -8.987  1.00 10.64 ? 71  ARG A NE  1 
ATOM   577 C CZ  . ARG A 1 73 ? -3.409  8.034   -8.592  1.00 11.76 ? 71  ARG A CZ  1 
ATOM   578 N NH1 . ARG A 1 73 ? -2.350  8.818   -8.424  1.00 12.60 ? 71  ARG A NH1 1 
ATOM   579 N NH2 . ARG A 1 73 ? -3.293  6.708   -8.497  1.00 11.21 ? 71  ARG A NH2 1 
ATOM   580 N N   . ALA A 1 74 ? -7.324  14.210  -11.744 1.00 13.88 ? 72  ALA A N   1 
ATOM   581 C CA  . ALA A 1 74 ? -7.663  15.688  -11.704 1.00 13.96 ? 72  ALA A CA  1 
ATOM   582 C C   . ALA A 1 74 ? -9.034  15.928  -12.335 1.00 17.25 ? 72  ALA A C   1 
ATOM   583 O O   . ALA A 1 74 ? -9.810  16.719  -11.830 1.00 17.78 ? 72  ALA A O   1 
ATOM   584 C CB  . ALA A 1 74 ? -6.639  16.473  -12.433 1.00 14.70 ? 72  ALA A CB  1 
ATOM   585 N N   . PHE A 1 75 ? -9.342  15.188  -13.408 1.00 13.89 ? 73  PHE A N   1 
ATOM   586 C CA  . PHE A 1 75 ? -10.572 15.393  -14.132 1.00 15.01 ? 73  PHE A CA  1 
ATOM   587 C C   . PHE A 1 75 ? -11.761 15.074  -13.248 1.00 15.66 ? 73  PHE A C   1 
ATOM   588 O O   . PHE A 1 75 ? -12.788 15.767  -13.265 1.00 16.47 ? 73  PHE A O   1 
ATOM   589 C CB  . PHE A 1 75 ? -10.621 14.449  -15.335 1.00 16.52 ? 73  PHE A CB  1 
ATOM   590 C CG  . PHE A 1 75 ? -11.891 14.629  -16.104 1.00 18.31 ? 73  PHE A CG  1 
ATOM   591 C CD1 . PHE A 1 75 ? -12.048 15.700  -16.995 1.00 18.48 ? 73  PHE A CD1 1 
ATOM   592 C CD2 . PHE A 1 75 ? -12.946 13.773  -15.869 1.00 16.48 ? 73  PHE A CD2 1 
ATOM   593 C CE1 . PHE A 1 75 ? -13.260 15.852  -17.645 1.00 21.03 ? 73  PHE A CE1 1 
ATOM   594 C CE2 . PHE A 1 75 ? -14.147 13.927  -16.527 1.00 20.95 ? 73  PHE A CE2 1 
ATOM   595 C CZ  . PHE A 1 75 ? -14.294 14.983  -17.403 1.00 18.22 ? 73  PHE A CZ  1 
ATOM   596 N N   . TYR A 1 76 ? -11.648 13.996  -12.468 1.00 13.12 ? 74  TYR A N   1 
ATOM   597 C CA  . TYR A 1 76 ? -12.761 13.524  -11.615 1.00 15.71 ? 74  TYR A CA  1 
ATOM   598 C C   . TYR A 1 76 ? -12.696 14.104  -10.182 1.00 19.35 ? 74  TYR A C   1 
ATOM   599 O O   . TYR A 1 76 ? -13.646 13.895  -9.442  1.00 23.28 ? 74  TYR A O   1 
ATOM   600 C CB  . TYR A 1 76 ? -12.750 12.003  -11.538 1.00 15.13 ? 74  TYR A CB  1 
ATOM   601 C CG  . TYR A 1 76 ? -13.312 11.366  -12.772 1.00 14.50 ? 74  TYR A CG  1 
ATOM   602 C CD1 . TYR A 1 76 ? -14.685 11.309  -12.992 1.00 15.87 ? 74  TYR A CD1 1 
ATOM   603 C CD2 . TYR A 1 76 ? -12.479 10.795  -13.705 1.00 13.76 ? 74  TYR A CD2 1 
ATOM   604 C CE1 . TYR A 1 76 ? -15.203 10.721  -14.125 1.00 14.64 ? 74  TYR A CE1 1 
ATOM   605 C CE2 . TYR A 1 76 ? -12.988 10.210  -14.857 1.00 13.76 ? 74  TYR A CE2 1 
ATOM   606 C CZ  . TYR A 1 76 ? -14.360 10.154  -15.068 1.00 15.13 ? 74  TYR A CZ  1 
ATOM   607 O OH  . TYR A 1 76 ? -14.896 9.564   -16.192 1.00 16.32 ? 74  TYR A OH  1 
ATOM   608 N N   . ASN A 1 77 ? -11.658 14.894  -9.853  1.00 22.38 ? 75  ASN A N   1 
ATOM   609 C CA  . ASN A 1 77 ? -11.549 15.547  -8.479  1.00 27.12 ? 75  ASN A CA  1 
ATOM   610 C C   . ASN A 1 77 ? -12.567 16.693  -8.351  1.00 33.70 ? 75  ASN A C   1 
ATOM   611 O O   . ASN A 1 77 ? -12.548 17.609  -9.187  1.00 42.94 ? 75  ASN A O   1 
ATOM   612 C CB  . ASN A 1 77 ? -10.155 16.106  -8.170  1.00 27.31 ? 75  ASN A CB  1 
HETATM 613 C C1  . GOL B 2 .  ? -1.460  -8.567  18.176  1.00 23.55 ? 101 GOL A C1  1 
HETATM 614 O O1  . GOL B 2 .  ? -0.205  -7.916  18.520  1.00 29.11 ? 101 GOL A O1  1 
HETATM 615 C C2  . GOL B 2 .  ? -2.574  -7.562  18.334  1.00 23.25 ? 101 GOL A C2  1 
HETATM 616 O O2  . GOL B 2 .  ? -2.618  -6.655  17.210  1.00 23.52 ? 101 GOL A O2  1 
HETATM 617 C C3  . GOL B 2 .  ? -3.875  -8.312  18.472  1.00 24.16 ? 101 GOL A C3  1 
HETATM 618 O O3  . GOL B 2 .  ? -4.076  -9.193  17.377  1.00 22.98 ? 101 GOL A O3  1 
HETATM 619 X UNK . UNX C 3 .  ? 19.767  -3.488  4.733   1.00 28.50 ? 102 UNX A UNK 1 
HETATM 620 X UNK . UNX D 3 .  ? -4.430  6.516   10.951  1.00 23.84 ? 103 UNX A UNK 1 
HETATM 621 X UNK . UNX E 3 .  ? 3.954   -0.885  -6.480  1.00 16.51 ? 104 UNX A UNK 1 
HETATM 622 X UNK . UNX F 3 .  ? -2.982  -9.946  10.315  1.00 19.03 ? 105 UNX A UNK 1 
HETATM 623 X UNK . UNX G 3 .  ? -4.926  -8.553  9.465   1.00 16.61 ? 106 UNX A UNK 1 
HETATM 624 X UNK . UNX H 3 .  ? -2.615  9.884   1.253   1.00 20.89 ? 107 UNX A UNK 1 
HETATM 625 X UNK . UNX I 3 .  ? -6.781  -13.638 -4.748  0.70 21.95 ? 108 UNX A UNK 1 
HETATM 626 X UNK . UNX J 3 .  ? 5.034   11.690  -12.509 1.00 38.54 ? 109 UNX A UNK 1 
HETATM 627 X UNK . UNX K 3 .  ? -12.999 -5.158  6.618   1.00 24.86 ? 110 UNX A UNK 1 
HETATM 628 X UNK . UNX L 3 .  ? -13.894 -4.307  10.883  1.00 22.89 ? 111 UNX A UNK 1 
HETATM 629 X UNK . UNX M 3 .  ? -6.990  -9.941  10.962  1.00 27.64 ? 112 UNX A UNK 1 
HETATM 630 X UNK . UNX N 3 .  ? -10.135 -9.338  -2.652  1.00 24.54 ? 113 UNX A UNK 1 
HETATM 631 X UNK . UNX O 3 .  ? 2.263   -4.208  -10.821 1.00 10.69 ? 114 UNX A UNK 1 
HETATM 632 X UNK . UNX P 3 .  ? -0.300  -14.050 -2.177  1.00 15.74 ? 115 UNX A UNK 1 
HETATM 633 O O   . HOH Q 4 .  ? -6.043  4.857   13.209  1.00 14.25 ? 201 HOH A O   1 
HETATM 634 O O   . HOH Q 4 .  ? -8.759  7.069   -1.215  1.00 25.68 ? 202 HOH A O   1 
HETATM 635 O O   . HOH Q 4 .  ? 7.679   -10.897 12.435  1.00 27.85 ? 203 HOH A O   1 
HETATM 636 O O   . HOH Q 4 .  ? 1.500   -13.617 9.473   1.00 22.03 ? 204 HOH A O   1 
HETATM 637 O O   . HOH Q 4 .  ? 1.984   5.678   4.956   1.00 15.10 ? 205 HOH A O   1 
HETATM 638 O O   . HOH Q 4 .  ? -0.248  -7.554  13.838  1.00 18.08 ? 206 HOH A O   1 
HETATM 639 O O   . HOH Q 4 .  ? -5.711  -5.887  5.524   1.00 16.04 ? 207 HOH A O   1 
HETATM 640 O O   . HOH Q 4 .  ? -2.797  -16.531 4.929   1.00 26.25 ? 208 HOH A O   1 
HETATM 641 O O   . HOH Q 4 .  ? -1.936  -4.341  16.149  1.00 19.71 ? 209 HOH A O   1 
HETATM 642 O O   . HOH Q 4 .  ? 4.742   -6.111  12.052  1.00 19.28 ? 210 HOH A O   1 
HETATM 643 O O   . HOH Q 4 .  ? -2.489  11.630  -7.649  1.00 22.61 ? 211 HOH A O   1 
HETATM 644 O O   . HOH Q 4 .  ? 3.886   -3.443  -8.862  1.00 11.86 ? 212 HOH A O   1 
HETATM 645 O O   . HOH Q 4 .  ? 12.549  -3.801  6.917   1.00 10.66 ? 213 HOH A O   1 
HETATM 646 O O   . HOH Q 4 .  ? 11.163  -5.423  11.105  0.70 22.70 ? 214 HOH A O   1 
HETATM 647 O O   . HOH Q 4 .  ? 12.889  -10.351 -2.848  1.00 16.84 ? 215 HOH A O   1 
HETATM 648 O O   . HOH Q 4 .  ? 5.924   0.281   -3.063  1.00 14.09 ? 216 HOH A O   1 
HETATM 649 O O   . HOH Q 4 .  ? -10.214 11.758  -8.807  1.00 18.56 ? 217 HOH A O   1 
HETATM 650 O O   . HOH Q 4 .  ? -11.575 -5.111  2.515   1.00 12.18 ? 218 HOH A O   1 
HETATM 651 O O   . HOH Q 4 .  ? 7.707   5.085   2.489   1.00 13.66 ? 219 HOH A O   1 
HETATM 652 O O   . HOH Q 4 .  ? 10.137  -2.774  10.803  1.00 13.62 ? 220 HOH A O   1 
HETATM 653 O O   . HOH Q 4 .  ? -10.760 -6.717  -3.106  1.00 19.65 ? 221 HOH A O   1 
HETATM 654 O O   . HOH Q 4 .  ? -9.300  1.390   -2.760  1.00 11.78 ? 222 HOH A O   1 
HETATM 655 O O   . HOH Q 4 .  ? 8.884   -15.321 7.028   1.00 20.74 ? 223 HOH A O   1 
HETATM 656 O O   . HOH Q 4 .  ? -4.220  -2.661  -8.749  1.00 9.97  ? 224 HOH A O   1 
HETATM 657 O O   . HOH Q 4 .  ? 18.913  -5.993  2.007   1.00 15.27 ? 225 HOH A O   1 
HETATM 658 O O   . HOH Q 4 .  ? 15.418  -4.331  7.048   1.00 17.46 ? 226 HOH A O   1 
HETATM 659 O O   . HOH Q 4 .  ? 16.629  -3.823  -0.011  1.00 8.59  ? 227 HOH A O   1 
HETATM 660 O O   . HOH Q 4 .  ? -6.367  -1.224  -5.307  1.00 17.66 ? 228 HOH A O   1 
HETATM 661 O O   . HOH Q 4 .  ? -2.250  -11.502 -6.115  1.00 27.15 ? 229 HOH A O   1 
HETATM 662 O O   . HOH Q 4 .  ? 11.370  -2.523  4.622   1.00 7.70  ? 230 HOH A O   1 
HETATM 663 O O   . HOH Q 4 .  ? 6.284   -8.812  10.998  1.00 28.21 ? 231 HOH A O   1 
HETATM 664 O O   . HOH Q 4 .  ? 0.788   3.083   13.083  1.00 14.79 ? 232 HOH A O   1 
HETATM 665 O O   . HOH Q 4 .  ? 1.570   -15.511 -0.674  1.00 19.98 ? 233 HOH A O   1 
HETATM 666 O O   . HOH Q 4 .  ? -9.380  -6.375  13.470  1.00 23.71 ? 234 HOH A O   1 
HETATM 667 O O   . HOH Q 4 .  ? 2.197   -8.138  19.991  1.00 13.23 ? 235 HOH A O   1 
HETATM 668 O O   . HOH Q 4 .  ? 10.612  -0.157  -2.808  1.00 18.05 ? 236 HOH A O   1 
HETATM 669 O O   . HOH Q 4 .  ? -3.842  14.587  -10.341 1.00 30.68 ? 237 HOH A O   1 
HETATM 670 O O   . HOH Q 4 .  ? -6.873  7.059   1.094   1.00 23.39 ? 238 HOH A O   1 
HETATM 671 O O   . HOH Q 4 .  ? -6.810  -13.495 -0.474  1.00 29.30 ? 239 HOH A O   1 
HETATM 672 O O   . HOH Q 4 .  ? -5.611  -9.440  -6.616  1.00 18.76 ? 240 HOH A O   1 
HETATM 673 O O   . HOH Q 4 .  ? 2.893   -3.581  15.464  1.00 29.53 ? 241 HOH A O   1 
HETATM 674 O O   . HOH Q 4 .  ? -11.105 -5.563  11.423  1.00 28.55 ? 242 HOH A O   1 
HETATM 675 O O   . HOH Q 4 .  ? -1.129  8.936   -1.246  1.00 27.59 ? 243 HOH A O   1 
HETATM 676 O O   . HOH Q 4 .  ? 7.407   7.752   -11.633 1.00 34.12 ? 244 HOH A O   1 
HETATM 677 O O   . HOH Q 4 .  ? 6.656   -0.594  -6.689  1.00 21.06 ? 245 HOH A O   1 
HETATM 678 O O   . HOH Q 4 .  ? -2.545  -11.664 8.094   1.00 18.66 ? 246 HOH A O   1 
HETATM 679 O O   . HOH Q 4 .  ? 8.122   -6.237  -4.133  1.00 9.67  ? 247 HOH A O   1 
HETATM 680 O O   A HOH Q 4 .  ? -0.213  -9.590  11.252  0.70 25.42 ? 248 HOH A O   1 
HETATM 681 O O   . HOH Q 4 .  ? -5.516  -11.777 0.965   1.00 24.36 ? 249 HOH A O   1 
HETATM 682 O O   . HOH Q 4 .  ? 8.868   -9.052  -2.598  1.00 28.02 ? 250 HOH A O   1 
HETATM 683 O O   . HOH Q 4 .  ? -9.096  -13.118 -1.825  1.00 32.24 ? 251 HOH A O   1 
HETATM 684 O O   . HOH Q 4 .  ? 10.643  -3.726  -8.179  1.00 12.11 ? 252 HOH A O   1 
HETATM 685 O O   . HOH Q 4 .  ? -4.880  4.904   -6.100  1.00 13.66 ? 253 HOH A O   1 
HETATM 686 O O   . HOH Q 4 .  ? -8.741  5.280   -3.511  1.00 23.67 ? 254 HOH A O   1 
HETATM 687 O O   . HOH Q 4 .  ? 12.941  -3.222  -5.083  1.00 15.36 ? 255 HOH A O   1 
HETATM 688 O O   . HOH Q 4 .  ? 10.538  -5.040  -5.338  1.00 18.66 ? 256 HOH A O   1 
HETATM 689 O O   . HOH Q 4 .  ? 5.106   2.504   -4.505  1.00 16.56 ? 257 HOH A O   1 
HETATM 690 O O   . HOH Q 4 .  ? 2.211   -5.246  17.294  1.00 36.77 ? 258 HOH A O   1 
HETATM 691 O O   . HOH Q 4 .  ? -6.775  3.845   -4.493  1.00 14.62 ? 259 HOH A O   1 
HETATM 692 O O   . HOH Q 4 .  ? -1.258  -13.885 9.226   1.00 32.82 ? 260 HOH A O   1 
HETATM 693 O O   . HOH Q 4 .  ? -8.797  -8.708  -9.239  1.00 25.15 ? 261 HOH A O   1 
# 
loop_
_pdbx_poly_seq_scheme.asym_id 
_pdbx_poly_seq_scheme.entity_id 
_pdbx_poly_seq_scheme.seq_id 
_pdbx_poly_seq_scheme.mon_id 
_pdbx_poly_seq_scheme.ndb_seq_num 
_pdbx_poly_seq_scheme.pdb_seq_num 
_pdbx_poly_seq_scheme.auth_seq_num 
_pdbx_poly_seq_scheme.pdb_mon_id 
_pdbx_poly_seq_scheme.auth_mon_id 
_pdbx_poly_seq_scheme.pdb_strand_id 
_pdbx_poly_seq_scheme.pdb_ins_code 
_pdbx_poly_seq_scheme.hetero 
A 1 1  GLY 1  -1 -1 GLY GLY A . n 
A 1 2  GLY 2  0  0  GLY GLY A . n 
A 1 3  VAL 3  1  1  VAL VAL A . n 
A 1 4  THR 4  2  2  THR THR A . n 
A 1 5  LEU 5  3  3  LEU LEU A . n 
A 1 6  PHE 6  4  4  PHE PHE A . n 
A 1 7  VAL 7  5  5  VAL VAL A . n 
A 1 8  ALA 8  6  6  ALA ALA A . n 
A 1 9  LEU 9  7  7  LEU LEU A . n 
A 1 10 TYR 10 8  8  TYR TYR A . n 
A 1 11 ASP 11 9  9  ASP ASP A . n 
A 1 12 TYR 12 10 10 TYR TYR A . n 
A 1 13 GLU 13 11 11 GLU GLU A . n 
A 1 14 ALA 14 12 12 ALA ALA A . n 
A 1 15 ARG 15 13 13 ARG ARG A . n 
A 1 16 THR 16 14 14 THR THR A . n 
A 1 17 GLU 17 15 15 GLU GLU A . n 
A 1 18 ASP 18 16 16 ASP ASP A . n 
A 1 19 ASP 19 17 17 ASP ASP A . n 
A 1 20 ILE 20 18 18 ILE ILE A . n 
A 1 21 SER 21 19 19 SER SER A . n 
A 1 22 VAL 22 20 20 VAL VAL A . n 
A 1 23 HIS 23 21 21 HIS HIS A . n 
A 1 24 LYS 24 22 22 LYS LYS A . n 
A 1 25 GLY 25 23 23 GLY GLY A . n 
A 1 26 GLU 26 24 24 GLU GLU A . n 
A 1 27 LYS 27 25 25 LYS LYS A . n 
A 1 28 VAL 28 26 26 VAL VAL A . n 
A 1 29 GLN 29 27 27 GLN GLN A . n 
A 1 30 ILE 30 28 28 ILE ILE A . n 
A 1 31 LEU 31 29 29 LEU LEU A . n 
A 1 32 ASN 32 30 30 ASN ASN A . n 
A 1 33 SER 33 31 31 SER SER A . n 
A 1 34 SER 34 32 32 SER SER A . n 
A 1 35 GLU 35 33 33 GLU GLU A . n 
A 1 36 GLY 36 34 34 GLY GLY A . n 
A 1 37 ASP 37 35 35 ASP ASP A . n 
A 1 38 TRP 38 36 36 TRP TRP A . n 
A 1 39 TRP 39 37 37 TRP TRP A . n 
A 1 40 GLU 40 38 38 GLU GLU A . n 
A 1 41 VAL 41 39 39 VAL VAL A . n 
A 1 42 ARG 42 40 40 ARG ARG A . n 
A 1 43 SER 43 41 41 SER SER A . n 
A 1 44 LEU 44 42 42 LEU LEU A . n 
A 1 45 THR 45 43 43 THR THR A . n 
A 1 46 THR 46 44 44 THR THR A . n 
A 1 47 GLY 47 45 45 GLY GLY A . n 
A 1 48 GLU 48 46 46 GLU GLU A . n 
A 1 49 THR 49 47 47 THR THR A . n 
A 1 50 GLY 50 48 48 GLY GLY A . n 
A 1 51 TYR 51 49 49 TYR TYR A . n 
A 1 52 VAL 52 50 50 VAL VAL A . n 
A 1 53 PRO 53 51 51 PRO PRO A . n 
A 1 54 SER 54 52 52 SER SER A . n 
A 1 55 ASN 55 53 53 ASN ASN A . n 
A 1 56 TYR 56 54 54 TYR TYR A . n 
A 1 57 VAL 57 55 55 VAL VAL A . n 
A 1 58 ALA 58 56 56 ALA ALA A . n 
A 1 59 PRO 59 57 57 PRO PRO A . n 
A 1 60 VAL 60 58 58 VAL VAL A . n 
A 1 61 ASP 61 59 59 ASP ASP A . n 
A 1 62 GLY 62 60 60 GLY GLY A . n 
A 1 63 SER 63 61 61 SER SER A . n 
A 1 64 ALA 64 62 62 ALA ALA A . n 
A 1 65 ALA 65 63 63 ALA ALA A . n 
A 1 66 MET 66 64 64 MET MET A . n 
A 1 67 GLY 67 65 65 GLY GLY A . n 
A 1 68 PRO 68 66 66 PRO PRO A . n 
A 1 69 VAL 69 67 67 VAL VAL A . n 
A 1 70 LEU 70 68 68 LEU LEU A . n 
A 1 71 ARG 71 69 69 ARG ARG A . n 
A 1 72 LEU 72 70 70 LEU LEU A . n 
A 1 73 ARG 73 71 71 ARG ARG A . n 
A 1 74 ALA 74 72 72 ALA ALA A . n 
A 1 75 PHE 75 73 73 PHE PHE A . n 
A 1 76 TYR 76 74 74 TYR TYR A . n 
A 1 77 ASN 77 75 75 ASN ASN A . n 
A 1 78 GLY 78 76 ?  ?   ?   A . n 
A 1 79 GLY 79 77 ?  ?   ?   A . n 
# 
_pdbx_SG_project.id                    1 
_pdbx_SG_project.project_name          ? 
_pdbx_SG_project.full_name_of_center   'Structural Genomics Consortium' 
_pdbx_SG_project.initial_of_center     SGC 
# 
loop_
_pdbx_nonpoly_scheme.asym_id 
_pdbx_nonpoly_scheme.entity_id 
_pdbx_nonpoly_scheme.mon_id 
_pdbx_nonpoly_scheme.ndb_seq_num 
_pdbx_nonpoly_scheme.pdb_seq_num 
_pdbx_nonpoly_scheme.auth_seq_num 
_pdbx_nonpoly_scheme.pdb_mon_id 
_pdbx_nonpoly_scheme.auth_mon_id 
_pdbx_nonpoly_scheme.pdb_strand_id 
_pdbx_nonpoly_scheme.pdb_ins_code 
B 2 GOL 1  101 1  GOL GOL A . 
C 3 UNX 1  102 1  UNX UNX A . 
D 3 UNX 1  103 2  UNX UNX A . 
E 3 UNX 1  104 3  UNX UNX A . 
F 3 UNX 1  105 4  UNX UNX A . 
G 3 UNX 1  106 5  UNX UNX A . 
H 3 UNX 1  107 6  UNX UNX A . 
I 3 UNX 1  108 7  UNX UNX A . 
J 3 UNX 1  109 8  UNX UNX A . 
K 3 UNX 1  110 9  UNX UNX A . 
L 3 UNX 1  111 10 UNX UNX A . 
M 3 UNX 1  112 11 UNX UNX A . 
N 3 UNX 1  113 12 UNX UNX A . 
O 3 UNX 1  114 13 UNX UNX A . 
P 3 UNX 1  115 14 UNX UNX A . 
Q 4 HOH 1  201 4  HOH HOH A . 
Q 4 HOH 2  202 50 HOH HOH A . 
Q 4 HOH 3  203 26 HOH HOH A . 
Q 4 HOH 4  204 63 HOH HOH A . 
Q 4 HOH 5  205 13 HOH HOH A . 
Q 4 HOH 6  206 22 HOH HOH A . 
Q 4 HOH 7  207 15 HOH HOH A . 
Q 4 HOH 8  208 61 HOH HOH A . 
Q 4 HOH 9  209 51 HOH HOH A . 
Q 4 HOH 10 210 14 HOH HOH A . 
Q 4 HOH 11 211 24 HOH HOH A . 
Q 4 HOH 12 212 20 HOH HOH A . 
Q 4 HOH 13 213 5  HOH HOH A . 
Q 4 HOH 14 214 77 HOH HOH A . 
Q 4 HOH 15 215 21 HOH HOH A . 
Q 4 HOH 16 216 41 HOH HOH A . 
Q 4 HOH 17 217 76 HOH HOH A . 
Q 4 HOH 18 218 11 HOH HOH A . 
Q 4 HOH 19 219 79 HOH HOH A . 
Q 4 HOH 20 220 9  HOH HOH A . 
Q 4 HOH 21 221 43 HOH HOH A . 
Q 4 HOH 22 222 54 HOH HOH A . 
Q 4 HOH 23 223 48 HOH HOH A . 
Q 4 HOH 24 224 2  HOH HOH A . 
Q 4 HOH 25 225 3  HOH HOH A . 
Q 4 HOH 26 226 18 HOH HOH A . 
Q 4 HOH 27 227 8  HOH HOH A . 
Q 4 HOH 28 228 33 HOH HOH A . 
Q 4 HOH 29 229 37 HOH HOH A . 
Q 4 HOH 30 230 1  HOH HOH A . 
Q 4 HOH 31 231 49 HOH HOH A . 
Q 4 HOH 32 232 19 HOH HOH A . 
Q 4 HOH 33 233 35 HOH HOH A . 
Q 4 HOH 34 234 31 HOH HOH A . 
Q 4 HOH 35 235 80 HOH HOH A . 
Q 4 HOH 36 236 44 HOH HOH A . 
Q 4 HOH 37 237 46 HOH HOH A . 
Q 4 HOH 38 238 58 HOH HOH A . 
Q 4 HOH 39 239 59 HOH HOH A . 
Q 4 HOH 40 240 16 HOH HOH A . 
Q 4 HOH 41 241 73 HOH HOH A . 
Q 4 HOH 42 242 71 HOH HOH A . 
Q 4 HOH 43 243 56 HOH HOH A . 
Q 4 HOH 44 244 67 HOH HOH A . 
Q 4 HOH 45 245 53 HOH HOH A . 
Q 4 HOH 46 246 29 HOH HOH A . 
Q 4 HOH 47 247 52 HOH HOH A . 
Q 4 HOH 48 248 40 HOH HOH A . 
Q 4 HOH 49 249 36 HOH HOH A . 
Q 4 HOH 50 250 74 HOH HOH A . 
Q 4 HOH 51 251 60 HOH HOH A . 
Q 4 HOH 52 252 12 HOH HOH A . 
Q 4 HOH 53 253 10 HOH HOH A . 
Q 4 HOH 54 254 55 HOH HOH A . 
Q 4 HOH 55 255 25 HOH HOH A . 
Q 4 HOH 56 256 39 HOH HOH A . 
Q 4 HOH 57 257 32 HOH HOH A . 
Q 4 HOH 58 258 72 HOH HOH A . 
Q 4 HOH 59 259 47 HOH HOH A . 
Q 4 HOH 60 260 64 HOH HOH A . 
Q 4 HOH 61 261 78 HOH HOH A . 
# 
_pdbx_struct_assembly.id                   1 
_pdbx_struct_assembly.details              author_and_software_defined_assembly 
_pdbx_struct_assembly.method_details       PISA 
_pdbx_struct_assembly.oligomeric_details   monomeric 
_pdbx_struct_assembly.oligomeric_count     1 
# 
_pdbx_struct_assembly_gen.assembly_id       1 
_pdbx_struct_assembly_gen.oper_expression   1 
_pdbx_struct_assembly_gen.asym_id_list      A,B,C,D,E,F,G,H,I,J,K,L,M,N,O,P,Q 
# 
loop_
_pdbx_struct_assembly_prop.biol_id 
_pdbx_struct_assembly_prop.type 
_pdbx_struct_assembly_prop.value 
_pdbx_struct_assembly_prop.details 
1 'ABSA (A^2)' 90   ? 
1 MORE         1    ? 
1 'SSA (A^2)'  5850 ? 
# 
_pdbx_struct_oper_list.id                   1 
_pdbx_struct_oper_list.type                 'identity operation' 
_pdbx_struct_oper_list.name                 1_555 
_pdbx_struct_oper_list.symmetry_operation   x,y,z 
_pdbx_struct_oper_list.matrix[1][1]         1.0000000000 
_pdbx_struct_oper_list.matrix[1][2]         0.0000000000 
_pdbx_struct_oper_list.matrix[1][3]         0.0000000000 
_pdbx_struct_oper_list.vector[1]            0.0000000000 
_pdbx_struct_oper_list.matrix[2][1]         0.0000000000 
_pdbx_struct_oper_list.matrix[2][2]         1.0000000000 
_pdbx_struct_oper_list.matrix[2][3]         0.0000000000 
_pdbx_struct_oper_list.vector[2]            0.0000000000 
_pdbx_struct_oper_list.matrix[3][1]         0.0000000000 
_pdbx_struct_oper_list.matrix[3][2]         0.0000000000 
_pdbx_struct_oper_list.matrix[3][3]         1.0000000000 
_pdbx_struct_oper_list.vector[3]            0.0000000000 
# 
loop_
_pdbx_audit_revision_history.ordinal 
_pdbx_audit_revision_history.data_content_type 
_pdbx_audit_revision_history.major_revision 
_pdbx_audit_revision_history.minor_revision 
_pdbx_audit_revision_history.revision_date 
1 'Structure model' 1 0 2018-08-29 
2 'Structure model' 1 1 2023-10-11 
# 
_pdbx_audit_revision_details.ordinal             1 
_pdbx_audit_revision_details.revision_ordinal    1 
_pdbx_audit_revision_details.data_content_type   'Structure model' 
_pdbx_audit_revision_details.provider            repository 
_pdbx_audit_revision_details.type                'Initial release' 
_pdbx_audit_revision_details.description         ? 
_pdbx_audit_revision_details.details             ? 
# 
loop_
_pdbx_audit_revision_group.ordinal 
_pdbx_audit_revision_group.revision_ordinal 
_pdbx_audit_revision_group.data_content_type 
_pdbx_audit_revision_group.group 
1 2 'Structure model' 'Data collection'        
2 2 'Structure model' 'Database references'    
3 2 'Structure model' 'Refinement description' 
# 
loop_
_pdbx_audit_revision_category.ordinal 
_pdbx_audit_revision_category.revision_ordinal 
_pdbx_audit_revision_category.data_content_type 
_pdbx_audit_revision_category.category 
1 2 'Structure model' chem_comp_atom                
2 2 'Structure model' chem_comp_bond                
3 2 'Structure model' database_2                    
4 2 'Structure model' pdbx_initial_refinement_model 
# 
loop_
_pdbx_audit_revision_item.ordinal 
_pdbx_audit_revision_item.revision_ordinal 
_pdbx_audit_revision_item.data_content_type 
_pdbx_audit_revision_item.item 
1 2 'Structure model' '_database_2.pdbx_DOI'                
2 2 'Structure model' '_database_2.pdbx_database_accession' 
# 
loop_
_software.citation_id 
_software.classification 
_software.compiler_name 
_software.compiler_version 
_software.contact_author 
_software.contact_author_email 
_software.date 
_software.description 
_software.dependencies 
_software.hardware 
_software.language 
_software.location 
_software.mods 
_software.name 
_software.os 
_software.os_version 
_software.type 
_software.version 
_software.pdbx_ordinal 
? refinement        ? ? ? ? ? ? ? ? ? ? ? REFMAC      ? ? ? 5.8.0230 1 
? 'data reduction'  ? ? ? ? ? ? ? ? ? ? ? XDS         ? ? ? 0.7.2    2 
? 'data extraction' ? ? ? ? ? ? ? ? ? ? ? PDB_EXTRACT ? ? ? 3.22     3 
# 
_pdbx_validate_rmsd_bond.id                        1 
_pdbx_validate_rmsd_bond.PDB_model_num             1 
_pdbx_validate_rmsd_bond.auth_atom_id_1            N 
_pdbx_validate_rmsd_bond.auth_asym_id_1            A 
_pdbx_validate_rmsd_bond.auth_comp_id_1            LYS 
_pdbx_validate_rmsd_bond.auth_seq_id_1             22 
_pdbx_validate_rmsd_bond.PDB_ins_code_1            ? 
_pdbx_validate_rmsd_bond.label_alt_id_1            ? 
_pdbx_validate_rmsd_bond.auth_atom_id_2            CA 
_pdbx_validate_rmsd_bond.auth_asym_id_2            A 
_pdbx_validate_rmsd_bond.auth_comp_id_2            LYS 
_pdbx_validate_rmsd_bond.auth_seq_id_2             22 
_pdbx_validate_rmsd_bond.PDB_ins_code_2            ? 
_pdbx_validate_rmsd_bond.label_alt_id_2            ? 
_pdbx_validate_rmsd_bond.bond_value                1.335 
_pdbx_validate_rmsd_bond.bond_target_value         1.459 
_pdbx_validate_rmsd_bond.bond_deviation            -0.124 
_pdbx_validate_rmsd_bond.bond_standard_deviation   0.020 
_pdbx_validate_rmsd_bond.linker_flag               N 
# 
loop_
_pdbx_validate_torsion.id 
_pdbx_validate_torsion.PDB_model_num 
_pdbx_validate_torsion.auth_comp_id 
_pdbx_validate_torsion.auth_asym_id 
_pdbx_validate_torsion.auth_seq_id 
_pdbx_validate_torsion.PDB_ins_code 
_pdbx_validate_torsion.label_alt_id 
_pdbx_validate_torsion.phi 
_pdbx_validate_torsion.psi 
1 1 ASP A 59 ? ? -137.66 -141.40 
2 1 ASP A 59 ? ? -143.44 51.78   
# 
_pdbx_validate_planes.id              1 
_pdbx_validate_planes.PDB_model_num   1 
_pdbx_validate_planes.auth_comp_id    ARG 
_pdbx_validate_planes.auth_asym_id    A 
_pdbx_validate_planes.auth_seq_id     40 
_pdbx_validate_planes.PDB_ins_code    ? 
_pdbx_validate_planes.label_alt_id    ? 
_pdbx_validate_planes.rmsd            0.082 
_pdbx_validate_planes.type            'SIDE CHAIN' 
# 
loop_
_pdbx_unobs_or_zero_occ_atoms.id 
_pdbx_unobs_or_zero_occ_atoms.PDB_model_num 
_pdbx_unobs_or_zero_occ_atoms.polymer_flag 
_pdbx_unobs_or_zero_occ_atoms.occupancy_flag 
_pdbx_unobs_or_zero_occ_atoms.auth_asym_id 
_pdbx_unobs_or_zero_occ_atoms.auth_comp_id 
_pdbx_unobs_or_zero_occ_atoms.auth_seq_id 
_pdbx_unobs_or_zero_occ_atoms.PDB_ins_code 
_pdbx_unobs_or_zero_occ_atoms.auth_atom_id 
_pdbx_unobs_or_zero_occ_atoms.label_alt_id 
_pdbx_unobs_or_zero_occ_atoms.label_asym_id 
_pdbx_unobs_or_zero_occ_atoms.label_comp_id 
_pdbx_unobs_or_zero_occ_atoms.label_seq_id 
_pdbx_unobs_or_zero_occ_atoms.label_atom_id 
1  1 Y 1 A VAL 1  ? CG1 ? A VAL 3  CG1 
2  1 Y 1 A VAL 1  ? CG2 ? A VAL 3  CG2 
3  1 Y 1 A GLU 15 ? CD  ? A GLU 17 CD  
4  1 Y 1 A GLU 15 ? OE1 ? A GLU 17 OE1 
5  1 Y 1 A GLU 15 ? OE2 ? A GLU 17 OE2 
6  1 Y 1 A ASP 59 ? CG  ? A ASP 61 CG  
7  1 Y 1 A ASP 59 ? OD1 ? A ASP 61 OD1 
8  1 Y 1 A ASP 59 ? OD2 ? A ASP 61 OD2 
9  1 Y 1 A ASN 75 ? CG  ? A ASN 77 CG  
10 1 Y 1 A ASN 75 ? OD1 ? A ASN 77 OD1 
11 1 Y 1 A ASN 75 ? ND2 ? A ASN 77 ND2 
# 
loop_
_pdbx_unobs_or_zero_occ_residues.id 
_pdbx_unobs_or_zero_occ_residues.PDB_model_num 
_pdbx_unobs_or_zero_occ_residues.polymer_flag 
_pdbx_unobs_or_zero_occ_residues.occupancy_flag 
_pdbx_unobs_or_zero_occ_residues.auth_asym_id 
_pdbx_unobs_or_zero_occ_residues.auth_comp_id 
_pdbx_unobs_or_zero_occ_residues.auth_seq_id 
_pdbx_unobs_or_zero_occ_residues.PDB_ins_code 
_pdbx_unobs_or_zero_occ_residues.label_asym_id 
_pdbx_unobs_or_zero_occ_residues.label_comp_id 
_pdbx_unobs_or_zero_occ_residues.label_seq_id 
1 1 Y 1 A GLY 76 ? A GLY 78 
2 1 Y 1 A GLY 77 ? A GLY 79 
# 
loop_
_chem_comp_atom.comp_id 
_chem_comp_atom.atom_id 
_chem_comp_atom.type_symbol 
_chem_comp_atom.pdbx_aromatic_flag 
_chem_comp_atom.pdbx_stereo_config 
_chem_comp_atom.pdbx_ordinal 
ALA N    N N N 1   
ALA CA   C N S 2   
ALA C    C N N 3   
ALA O    O N N 4   
ALA CB   C N N 5   
ALA OXT  O N N 6   
ALA H    H N N 7   
ALA H2   H N N 8   
ALA HA   H N N 9   
ALA HB1  H N N 10  
ALA HB2  H N N 11  
ALA HB3  H N N 12  
ALA HXT  H N N 13  
ARG N    N N N 14  
ARG CA   C N S 15  
ARG C    C N N 16  
ARG O    O N N 17  
ARG CB   C N N 18  
ARG CG   C N N 19  
ARG CD   C N N 20  
ARG NE   N N N 21  
ARG CZ   C N N 22  
ARG NH1  N N N 23  
ARG NH2  N N N 24  
ARG OXT  O N N 25  
ARG H    H N N 26  
ARG H2   H N N 27  
ARG HA   H N N 28  
ARG HB2  H N N 29  
ARG HB3  H N N 30  
ARG HG2  H N N 31  
ARG HG3  H N N 32  
ARG HD2  H N N 33  
ARG HD3  H N N 34  
ARG HE   H N N 35  
ARG HH11 H N N 36  
ARG HH12 H N N 37  
ARG HH21 H N N 38  
ARG HH22 H N N 39  
ARG HXT  H N N 40  
ASN N    N N N 41  
ASN CA   C N S 42  
ASN C    C N N 43  
ASN O    O N N 44  
ASN CB   C N N 45  
ASN CG   C N N 46  
ASN OD1  O N N 47  
ASN ND2  N N N 48  
ASN OXT  O N N 49  
ASN H    H N N 50  
ASN H2   H N N 51  
ASN HA   H N N 52  
ASN HB2  H N N 53  
ASN HB3  H N N 54  
ASN HD21 H N N 55  
ASN HD22 H N N 56  
ASN HXT  H N N 57  
ASP N    N N N 58  
ASP CA   C N S 59  
ASP C    C N N 60  
ASP O    O N N 61  
ASP CB   C N N 62  
ASP CG   C N N 63  
ASP OD1  O N N 64  
ASP OD2  O N N 65  
ASP OXT  O N N 66  
ASP H    H N N 67  
ASP H2   H N N 68  
ASP HA   H N N 69  
ASP HB2  H N N 70  
ASP HB3  H N N 71  
ASP HD2  H N N 72  
ASP HXT  H N N 73  
GLN N    N N N 74  
GLN CA   C N S 75  
GLN C    C N N 76  
GLN O    O N N 77  
GLN CB   C N N 78  
GLN CG   C N N 79  
GLN CD   C N N 80  
GLN OE1  O N N 81  
GLN NE2  N N N 82  
GLN OXT  O N N 83  
GLN H    H N N 84  
GLN H2   H N N 85  
GLN HA   H N N 86  
GLN HB2  H N N 87  
GLN HB3  H N N 88  
GLN HG2  H N N 89  
GLN HG3  H N N 90  
GLN HE21 H N N 91  
GLN HE22 H N N 92  
GLN HXT  H N N 93  
GLU N    N N N 94  
GLU CA   C N S 95  
GLU C    C N N 96  
GLU O    O N N 97  
GLU CB   C N N 98  
GLU CG   C N N 99  
GLU CD   C N N 100 
GLU OE1  O N N 101 
GLU OE2  O N N 102 
GLU OXT  O N N 103 
GLU H    H N N 104 
GLU H2   H N N 105 
GLU HA   H N N 106 
GLU HB2  H N N 107 
GLU HB3  H N N 108 
GLU HG2  H N N 109 
GLU HG3  H N N 110 
GLU HE2  H N N 111 
GLU HXT  H N N 112 
GLY N    N N N 113 
GLY CA   C N N 114 
GLY C    C N N 115 
GLY O    O N N 116 
GLY OXT  O N N 117 
GLY H    H N N 118 
GLY H2   H N N 119 
GLY HA2  H N N 120 
GLY HA3  H N N 121 
GLY HXT  H N N 122 
GOL C1   C N N 123 
GOL O1   O N N 124 
GOL C2   C N N 125 
GOL O2   O N N 126 
GOL C3   C N N 127 
GOL O3   O N N 128 
GOL H11  H N N 129 
GOL H12  H N N 130 
GOL HO1  H N N 131 
GOL H2   H N N 132 
GOL HO2  H N N 133 
GOL H31  H N N 134 
GOL H32  H N N 135 
GOL HO3  H N N 136 
HIS N    N N N 137 
HIS CA   C N S 138 
HIS C    C N N 139 
HIS O    O N N 140 
HIS CB   C N N 141 
HIS CG   C Y N 142 
HIS ND1  N Y N 143 
HIS CD2  C Y N 144 
HIS CE1  C Y N 145 
HIS NE2  N Y N 146 
HIS OXT  O N N 147 
HIS H    H N N 148 
HIS H2   H N N 149 
HIS HA   H N N 150 
HIS HB2  H N N 151 
HIS HB3  H N N 152 
HIS HD1  H N N 153 
HIS HD2  H N N 154 
HIS HE1  H N N 155 
HIS HE2  H N N 156 
HIS HXT  H N N 157 
HOH O    O N N 158 
HOH H1   H N N 159 
HOH H2   H N N 160 
ILE N    N N N 161 
ILE CA   C N S 162 
ILE C    C N N 163 
ILE O    O N N 164 
ILE CB   C N S 165 
ILE CG1  C N N 166 
ILE CG2  C N N 167 
ILE CD1  C N N 168 
ILE OXT  O N N 169 
ILE H    H N N 170 
ILE H2   H N N 171 
ILE HA   H N N 172 
ILE HB   H N N 173 
ILE HG12 H N N 174 
ILE HG13 H N N 175 
ILE HG21 H N N 176 
ILE HG22 H N N 177 
ILE HG23 H N N 178 
ILE HD11 H N N 179 
ILE HD12 H N N 180 
ILE HD13 H N N 181 
ILE HXT  H N N 182 
LEU N    N N N 183 
LEU CA   C N S 184 
LEU C    C N N 185 
LEU O    O N N 186 
LEU CB   C N N 187 
LEU CG   C N N 188 
LEU CD1  C N N 189 
LEU CD2  C N N 190 
LEU OXT  O N N 191 
LEU H    H N N 192 
LEU H2   H N N 193 
LEU HA   H N N 194 
LEU HB2  H N N 195 
LEU HB3  H N N 196 
LEU HG   H N N 197 
LEU HD11 H N N 198 
LEU HD12 H N N 199 
LEU HD13 H N N 200 
LEU HD21 H N N 201 
LEU HD22 H N N 202 
LEU HD23 H N N 203 
LEU HXT  H N N 204 
LYS N    N N N 205 
LYS CA   C N S 206 
LYS C    C N N 207 
LYS O    O N N 208 
LYS CB   C N N 209 
LYS CG   C N N 210 
LYS CD   C N N 211 
LYS CE   C N N 212 
LYS NZ   N N N 213 
LYS OXT  O N N 214 
LYS H    H N N 215 
LYS H2   H N N 216 
LYS HA   H N N 217 
LYS HB2  H N N 218 
LYS HB3  H N N 219 
LYS HG2  H N N 220 
LYS HG3  H N N 221 
LYS HD2  H N N 222 
LYS HD3  H N N 223 
LYS HE2  H N N 224 
LYS HE3  H N N 225 
LYS HZ1  H N N 226 
LYS HZ2  H N N 227 
LYS HZ3  H N N 228 
LYS HXT  H N N 229 
MET N    N N N 230 
MET CA   C N S 231 
MET C    C N N 232 
MET O    O N N 233 
MET CB   C N N 234 
MET CG   C N N 235 
MET SD   S N N 236 
MET CE   C N N 237 
MET OXT  O N N 238 
MET H    H N N 239 
MET H2   H N N 240 
MET HA   H N N 241 
MET HB2  H N N 242 
MET HB3  H N N 243 
MET HG2  H N N 244 
MET HG3  H N N 245 
MET HE1  H N N 246 
MET HE2  H N N 247 
MET HE3  H N N 248 
MET HXT  H N N 249 
PHE N    N N N 250 
PHE CA   C N S 251 
PHE C    C N N 252 
PHE O    O N N 253 
PHE CB   C N N 254 
PHE CG   C Y N 255 
PHE CD1  C Y N 256 
PHE CD2  C Y N 257 
PHE CE1  C Y N 258 
PHE CE2  C Y N 259 
PHE CZ   C Y N 260 
PHE OXT  O N N 261 
PHE H    H N N 262 
PHE H2   H N N 263 
PHE HA   H N N 264 
PHE HB2  H N N 265 
PHE HB3  H N N 266 
PHE HD1  H N N 267 
PHE HD2  H N N 268 
PHE HE1  H N N 269 
PHE HE2  H N N 270 
PHE HZ   H N N 271 
PHE HXT  H N N 272 
PRO N    N N N 273 
PRO CA   C N S 274 
PRO C    C N N 275 
PRO O    O N N 276 
PRO CB   C N N 277 
PRO CG   C N N 278 
PRO CD   C N N 279 
PRO OXT  O N N 280 
PRO H    H N N 281 
PRO HA   H N N 282 
PRO HB2  H N N 283 
PRO HB3  H N N 284 
PRO HG2  H N N 285 
PRO HG3  H N N 286 
PRO HD2  H N N 287 
PRO HD3  H N N 288 
PRO HXT  H N N 289 
SER N    N N N 290 
SER CA   C N S 291 
SER C    C N N 292 
SER O    O N N 293 
SER CB   C N N 294 
SER OG   O N N 295 
SER OXT  O N N 296 
SER H    H N N 297 
SER H2   H N N 298 
SER HA   H N N 299 
SER HB2  H N N 300 
SER HB3  H N N 301 
SER HG   H N N 302 
SER HXT  H N N 303 
THR N    N N N 304 
THR CA   C N S 305 
THR C    C N N 306 
THR O    O N N 307 
THR CB   C N R 308 
THR OG1  O N N 309 
THR CG2  C N N 310 
THR OXT  O N N 311 
THR H    H N N 312 
THR H2   H N N 313 
THR HA   H N N 314 
THR HB   H N N 315 
THR HG1  H N N 316 
THR HG21 H N N 317 
THR HG22 H N N 318 
THR HG23 H N N 319 
THR HXT  H N N 320 
TRP N    N N N 321 
TRP CA   C N S 322 
TRP C    C N N 323 
TRP O    O N N 324 
TRP CB   C N N 325 
TRP CG   C Y N 326 
TRP CD1  C Y N 327 
TRP CD2  C Y N 328 
TRP NE1  N Y N 329 
TRP CE2  C Y N 330 
TRP CE3  C Y N 331 
TRP CZ2  C Y N 332 
TRP CZ3  C Y N 333 
TRP CH2  C Y N 334 
TRP OXT  O N N 335 
TRP H    H N N 336 
TRP H2   H N N 337 
TRP HA   H N N 338 
TRP HB2  H N N 339 
TRP HB3  H N N 340 
TRP HD1  H N N 341 
TRP HE1  H N N 342 
TRP HE3  H N N 343 
TRP HZ2  H N N 344 
TRP HZ3  H N N 345 
TRP HH2  H N N 346 
TRP HXT  H N N 347 
TYR N    N N N 348 
TYR CA   C N S 349 
TYR C    C N N 350 
TYR O    O N N 351 
TYR CB   C N N 352 
TYR CG   C Y N 353 
TYR CD1  C Y N 354 
TYR CD2  C Y N 355 
TYR CE1  C Y N 356 
TYR CE2  C Y N 357 
TYR CZ   C Y N 358 
TYR OH   O N N 359 
TYR OXT  O N N 360 
TYR H    H N N 361 
TYR H2   H N N 362 
TYR HA   H N N 363 
TYR HB2  H N N 364 
TYR HB3  H N N 365 
TYR HD1  H N N 366 
TYR HD2  H N N 367 
TYR HE1  H N N 368 
TYR HE2  H N N 369 
TYR HH   H N N 370 
TYR HXT  H N N 371 
VAL N    N N N 372 
VAL CA   C N S 373 
VAL C    C N N 374 
VAL O    O N N 375 
VAL CB   C N N 376 
VAL CG1  C N N 377 
VAL CG2  C N N 378 
VAL OXT  O N N 379 
VAL H    H N N 380 
VAL H2   H N N 381 
VAL HA   H N N 382 
VAL HB   H N N 383 
VAL HG11 H N N 384 
VAL HG12 H N N 385 
VAL HG13 H N N 386 
VAL HG21 H N N 387 
VAL HG22 H N N 388 
VAL HG23 H N N 389 
VAL HXT  H N N 390 
# 
loop_
_chem_comp_bond.comp_id 
_chem_comp_bond.atom_id_1 
_chem_comp_bond.atom_id_2 
_chem_comp_bond.value_order 
_chem_comp_bond.pdbx_aromatic_flag 
_chem_comp_bond.pdbx_stereo_config 
_chem_comp_bond.pdbx_ordinal 
ALA N   CA   sing N N 1   
ALA N   H    sing N N 2   
ALA N   H2   sing N N 3   
ALA CA  C    sing N N 4   
ALA CA  CB   sing N N 5   
ALA CA  HA   sing N N 6   
ALA C   O    doub N N 7   
ALA C   OXT  sing N N 8   
ALA CB  HB1  sing N N 9   
ALA CB  HB2  sing N N 10  
ALA CB  HB3  sing N N 11  
ALA OXT HXT  sing N N 12  
ARG N   CA   sing N N 13  
ARG N   H    sing N N 14  
ARG N   H2   sing N N 15  
ARG CA  C    sing N N 16  
ARG CA  CB   sing N N 17  
ARG CA  HA   sing N N 18  
ARG C   O    doub N N 19  
ARG C   OXT  sing N N 20  
ARG CB  CG   sing N N 21  
ARG CB  HB2  sing N N 22  
ARG CB  HB3  sing N N 23  
ARG CG  CD   sing N N 24  
ARG CG  HG2  sing N N 25  
ARG CG  HG3  sing N N 26  
ARG CD  NE   sing N N 27  
ARG CD  HD2  sing N N 28  
ARG CD  HD3  sing N N 29  
ARG NE  CZ   sing N N 30  
ARG NE  HE   sing N N 31  
ARG CZ  NH1  sing N N 32  
ARG CZ  NH2  doub N N 33  
ARG NH1 HH11 sing N N 34  
ARG NH1 HH12 sing N N 35  
ARG NH2 HH21 sing N N 36  
ARG NH2 HH22 sing N N 37  
ARG OXT HXT  sing N N 38  
ASN N   CA   sing N N 39  
ASN N   H    sing N N 40  
ASN N   H2   sing N N 41  
ASN CA  C    sing N N 42  
ASN CA  CB   sing N N 43  
ASN CA  HA   sing N N 44  
ASN C   O    doub N N 45  
ASN C   OXT  sing N N 46  
ASN CB  CG   sing N N 47  
ASN CB  HB2  sing N N 48  
ASN CB  HB3  sing N N 49  
ASN CG  OD1  doub N N 50  
ASN CG  ND2  sing N N 51  
ASN ND2 HD21 sing N N 52  
ASN ND2 HD22 sing N N 53  
ASN OXT HXT  sing N N 54  
ASP N   CA   sing N N 55  
ASP N   H    sing N N 56  
ASP N   H2   sing N N 57  
ASP CA  C    sing N N 58  
ASP CA  CB   sing N N 59  
ASP CA  HA   sing N N 60  
ASP C   O    doub N N 61  
ASP C   OXT  sing N N 62  
ASP CB  CG   sing N N 63  
ASP CB  HB2  sing N N 64  
ASP CB  HB3  sing N N 65  
ASP CG  OD1  doub N N 66  
ASP CG  OD2  sing N N 67  
ASP OD2 HD2  sing N N 68  
ASP OXT HXT  sing N N 69  
GLN N   CA   sing N N 70  
GLN N   H    sing N N 71  
GLN N   H2   sing N N 72  
GLN CA  C    sing N N 73  
GLN CA  CB   sing N N 74  
GLN CA  HA   sing N N 75  
GLN C   O    doub N N 76  
GLN C   OXT  sing N N 77  
GLN CB  CG   sing N N 78  
GLN CB  HB2  sing N N 79  
GLN CB  HB3  sing N N 80  
GLN CG  CD   sing N N 81  
GLN CG  HG2  sing N N 82  
GLN CG  HG3  sing N N 83  
GLN CD  OE1  doub N N 84  
GLN CD  NE2  sing N N 85  
GLN NE2 HE21 sing N N 86  
GLN NE2 HE22 sing N N 87  
GLN OXT HXT  sing N N 88  
GLU N   CA   sing N N 89  
GLU N   H    sing N N 90  
GLU N   H2   sing N N 91  
GLU CA  C    sing N N 92  
GLU CA  CB   sing N N 93  
GLU CA  HA   sing N N 94  
GLU C   O    doub N N 95  
GLU C   OXT  sing N N 96  
GLU CB  CG   sing N N 97  
GLU CB  HB2  sing N N 98  
GLU CB  HB3  sing N N 99  
GLU CG  CD   sing N N 100 
GLU CG  HG2  sing N N 101 
GLU CG  HG3  sing N N 102 
GLU CD  OE1  doub N N 103 
GLU CD  OE2  sing N N 104 
GLU OE2 HE2  sing N N 105 
GLU OXT HXT  sing N N 106 
GLY N   CA   sing N N 107 
GLY N   H    sing N N 108 
GLY N   H2   sing N N 109 
GLY CA  C    sing N N 110 
GLY CA  HA2  sing N N 111 
GLY CA  HA3  sing N N 112 
GLY C   O    doub N N 113 
GLY C   OXT  sing N N 114 
GLY OXT HXT  sing N N 115 
GOL C1  O1   sing N N 116 
GOL C1  C2   sing N N 117 
GOL C1  H11  sing N N 118 
GOL C1  H12  sing N N 119 
GOL O1  HO1  sing N N 120 
GOL C2  O2   sing N N 121 
GOL C2  C3   sing N N 122 
GOL C2  H2   sing N N 123 
GOL O2  HO2  sing N N 124 
GOL C3  O3   sing N N 125 
GOL C3  H31  sing N N 126 
GOL C3  H32  sing N N 127 
GOL O3  HO3  sing N N 128 
HIS N   CA   sing N N 129 
HIS N   H    sing N N 130 
HIS N   H2   sing N N 131 
HIS CA  C    sing N N 132 
HIS CA  CB   sing N N 133 
HIS CA  HA   sing N N 134 
HIS C   O    doub N N 135 
HIS C   OXT  sing N N 136 
HIS CB  CG   sing N N 137 
HIS CB  HB2  sing N N 138 
HIS CB  HB3  sing N N 139 
HIS CG  ND1  sing Y N 140 
HIS CG  CD2  doub Y N 141 
HIS ND1 CE1  doub Y N 142 
HIS ND1 HD1  sing N N 143 
HIS CD2 NE2  sing Y N 144 
HIS CD2 HD2  sing N N 145 
HIS CE1 NE2  sing Y N 146 
HIS CE1 HE1  sing N N 147 
HIS NE2 HE2  sing N N 148 
HIS OXT HXT  sing N N 149 
HOH O   H1   sing N N 150 
HOH O   H2   sing N N 151 
ILE N   CA   sing N N 152 
ILE N   H    sing N N 153 
ILE N   H2   sing N N 154 
ILE CA  C    sing N N 155 
ILE CA  CB   sing N N 156 
ILE CA  HA   sing N N 157 
ILE C   O    doub N N 158 
ILE C   OXT  sing N N 159 
ILE CB  CG1  sing N N 160 
ILE CB  CG2  sing N N 161 
ILE CB  HB   sing N N 162 
ILE CG1 CD1  sing N N 163 
ILE CG1 HG12 sing N N 164 
ILE CG1 HG13 sing N N 165 
ILE CG2 HG21 sing N N 166 
ILE CG2 HG22 sing N N 167 
ILE CG2 HG23 sing N N 168 
ILE CD1 HD11 sing N N 169 
ILE CD1 HD12 sing N N 170 
ILE CD1 HD13 sing N N 171 
ILE OXT HXT  sing N N 172 
LEU N   CA   sing N N 173 
LEU N   H    sing N N 174 
LEU N   H2   sing N N 175 
LEU CA  C    sing N N 176 
LEU CA  CB   sing N N 177 
LEU CA  HA   sing N N 178 
LEU C   O    doub N N 179 
LEU C   OXT  sing N N 180 
LEU CB  CG   sing N N 181 
LEU CB  HB2  sing N N 182 
LEU CB  HB3  sing N N 183 
LEU CG  CD1  sing N N 184 
LEU CG  CD2  sing N N 185 
LEU CG  HG   sing N N 186 
LEU CD1 HD11 sing N N 187 
LEU CD1 HD12 sing N N 188 
LEU CD1 HD13 sing N N 189 
LEU CD2 HD21 sing N N 190 
LEU CD2 HD22 sing N N 191 
LEU CD2 HD23 sing N N 192 
LEU OXT HXT  sing N N 193 
LYS N   CA   sing N N 194 
LYS N   H    sing N N 195 
LYS N   H2   sing N N 196 
LYS CA  C    sing N N 197 
LYS CA  CB   sing N N 198 
LYS CA  HA   sing N N 199 
LYS C   O    doub N N 200 
LYS C   OXT  sing N N 201 
LYS CB  CG   sing N N 202 
LYS CB  HB2  sing N N 203 
LYS CB  HB3  sing N N 204 
LYS CG  CD   sing N N 205 
LYS CG  HG2  sing N N 206 
LYS CG  HG3  sing N N 207 
LYS CD  CE   sing N N 208 
LYS CD  HD2  sing N N 209 
LYS CD  HD3  sing N N 210 
LYS CE  NZ   sing N N 211 
LYS CE  HE2  sing N N 212 
LYS CE  HE3  sing N N 213 
LYS NZ  HZ1  sing N N 214 
LYS NZ  HZ2  sing N N 215 
LYS NZ  HZ3  sing N N 216 
LYS OXT HXT  sing N N 217 
MET N   CA   sing N N 218 
MET N   H    sing N N 219 
MET N   H2   sing N N 220 
MET CA  C    sing N N 221 
MET CA  CB   sing N N 222 
MET CA  HA   sing N N 223 
MET C   O    doub N N 224 
MET C   OXT  sing N N 225 
MET CB  CG   sing N N 226 
MET CB  HB2  sing N N 227 
MET CB  HB3  sing N N 228 
MET CG  SD   sing N N 229 
MET CG  HG2  sing N N 230 
MET CG  HG3  sing N N 231 
MET SD  CE   sing N N 232 
MET CE  HE1  sing N N 233 
MET CE  HE2  sing N N 234 
MET CE  HE3  sing N N 235 
MET OXT HXT  sing N N 236 
PHE N   CA   sing N N 237 
PHE N   H    sing N N 238 
PHE N   H2   sing N N 239 
PHE CA  C    sing N N 240 
PHE CA  CB   sing N N 241 
PHE CA  HA   sing N N 242 
PHE C   O    doub N N 243 
PHE C   OXT  sing N N 244 
PHE CB  CG   sing N N 245 
PHE CB  HB2  sing N N 246 
PHE CB  HB3  sing N N 247 
PHE CG  CD1  doub Y N 248 
PHE CG  CD2  sing Y N 249 
PHE CD1 CE1  sing Y N 250 
PHE CD1 HD1  sing N N 251 
PHE CD2 CE2  doub Y N 252 
PHE CD2 HD2  sing N N 253 
PHE CE1 CZ   doub Y N 254 
PHE CE1 HE1  sing N N 255 
PHE CE2 CZ   sing Y N 256 
PHE CE2 HE2  sing N N 257 
PHE CZ  HZ   sing N N 258 
PHE OXT HXT  sing N N 259 
PRO N   CA   sing N N 260 
PRO N   CD   sing N N 261 
PRO N   H    sing N N 262 
PRO CA  C    sing N N 263 
PRO CA  CB   sing N N 264 
PRO CA  HA   sing N N 265 
PRO C   O    doub N N 266 
PRO C   OXT  sing N N 267 
PRO CB  CG   sing N N 268 
PRO CB  HB2  sing N N 269 
PRO CB  HB3  sing N N 270 
PRO CG  CD   sing N N 271 
PRO CG  HG2  sing N N 272 
PRO CG  HG3  sing N N 273 
PRO CD  HD2  sing N N 274 
PRO CD  HD3  sing N N 275 
PRO OXT HXT  sing N N 276 
SER N   CA   sing N N 277 
SER N   H    sing N N 278 
SER N   H2   sing N N 279 
SER CA  C    sing N N 280 
SER CA  CB   sing N N 281 
SER CA  HA   sing N N 282 
SER C   O    doub N N 283 
SER C   OXT  sing N N 284 
SER CB  OG   sing N N 285 
SER CB  HB2  sing N N 286 
SER CB  HB3  sing N N 287 
SER OG  HG   sing N N 288 
SER OXT HXT  sing N N 289 
THR N   CA   sing N N 290 
THR N   H    sing N N 291 
THR N   H2   sing N N 292 
THR CA  C    sing N N 293 
THR CA  CB   sing N N 294 
THR CA  HA   sing N N 295 
THR C   O    doub N N 296 
THR C   OXT  sing N N 297 
THR CB  OG1  sing N N 298 
THR CB  CG2  sing N N 299 
THR CB  HB   sing N N 300 
THR OG1 HG1  sing N N 301 
THR CG2 HG21 sing N N 302 
THR CG2 HG22 sing N N 303 
THR CG2 HG23 sing N N 304 
THR OXT HXT  sing N N 305 
TRP N   CA   sing N N 306 
TRP N   H    sing N N 307 
TRP N   H2   sing N N 308 
TRP CA  C    sing N N 309 
TRP CA  CB   sing N N 310 
TRP CA  HA   sing N N 311 
TRP C   O    doub N N 312 
TRP C   OXT  sing N N 313 
TRP CB  CG   sing N N 314 
TRP CB  HB2  sing N N 315 
TRP CB  HB3  sing N N 316 
TRP CG  CD1  doub Y N 317 
TRP CG  CD2  sing Y N 318 
TRP CD1 NE1  sing Y N 319 
TRP CD1 HD1  sing N N 320 
TRP CD2 CE2  doub Y N 321 
TRP CD2 CE3  sing Y N 322 
TRP NE1 CE2  sing Y N 323 
TRP NE1 HE1  sing N N 324 
TRP CE2 CZ2  sing Y N 325 
TRP CE3 CZ3  doub Y N 326 
TRP CE3 HE3  sing N N 327 
TRP CZ2 CH2  doub Y N 328 
TRP CZ2 HZ2  sing N N 329 
TRP CZ3 CH2  sing Y N 330 
TRP CZ3 HZ3  sing N N 331 
TRP CH2 HH2  sing N N 332 
TRP OXT HXT  sing N N 333 
TYR N   CA   sing N N 334 
TYR N   H    sing N N 335 
TYR N   H2   sing N N 336 
TYR CA  C    sing N N 337 
TYR CA  CB   sing N N 338 
TYR CA  HA   sing N N 339 
TYR C   O    doub N N 340 
TYR C   OXT  sing N N 341 
TYR CB  CG   sing N N 342 
TYR CB  HB2  sing N N 343 
TYR CB  HB3  sing N N 344 
TYR CG  CD1  doub Y N 345 
TYR CG  CD2  sing Y N 346 
TYR CD1 CE1  sing Y N 347 
TYR CD1 HD1  sing N N 348 
TYR CD2 CE2  doub Y N 349 
TYR CD2 HD2  sing N N 350 
TYR CE1 CZ   doub Y N 351 
TYR CE1 HE1  sing N N 352 
TYR CE2 CZ   sing Y N 353 
TYR CE2 HE2  sing N N 354 
TYR CZ  OH   sing N N 355 
TYR OH  HH   sing N N 356 
TYR OXT HXT  sing N N 357 
VAL N   CA   sing N N 358 
VAL N   H    sing N N 359 
VAL N   H2   sing N N 360 
VAL CA  C    sing N N 361 
VAL CA  CB   sing N N 362 
VAL CA  HA   sing N N 363 
VAL C   O    doub N N 364 
VAL C   OXT  sing N N 365 
VAL CB  CG1  sing N N 366 
VAL CB  CG2  sing N N 367 
VAL CB  HB   sing N N 368 
VAL CG1 HG11 sing N N 369 
VAL CG1 HG12 sing N N 370 
VAL CG1 HG13 sing N N 371 
VAL CG2 HG21 sing N N 372 
VAL CG2 HG22 sing N N 373 
VAL CG2 HG23 sing N N 374 
VAL OXT HXT  sing N N 375 
# 
loop_
_pdbx_entity_nonpoly.entity_id 
_pdbx_entity_nonpoly.name 
_pdbx_entity_nonpoly.comp_id 
2 GLYCEROL              GOL 
3 'UNKNOWN ATOM OR ION' UNX 
4 water                 HOH 
# 
_pdbx_initial_refinement_model.id               1 
_pdbx_initial_refinement_model.entity_id_list   ? 
_pdbx_initial_refinement_model.type             'experimental model' 
_pdbx_initial_refinement_model.source_name      PDB 
_pdbx_initial_refinement_model.accession_code   3UF4 
_pdbx_initial_refinement_model.details          'PDB entry 3UF4' 
# 
_pdbx_struct_assembly_auth_evidence.id                     1 
_pdbx_struct_assembly_auth_evidence.assembly_id            1 
_pdbx_struct_assembly_auth_evidence.experimental_support   none 
_pdbx_struct_assembly_auth_evidence.details                ? 
# 
